data_6NJU
#
_entry.id   6NJU
#
_cell.length_a   107.983
_cell.length_b   107.983
_cell.length_c   357.419
_cell.angle_alpha   90.000
_cell.angle_beta   90.000
_cell.angle_gamma   120.000
#
_symmetry.space_group_name_H-M   'P 65 2 2'
#
loop_
_entity.id
_entity.type
_entity.pdbx_description
1 polymer 'Endonuclease G, mitochondrial'
2 polymer "DNA (5'-D(CCGGCGCCGG)-3')"
3 non-polymer 'MAGNESIUM ION'
4 non-polymer 'CHLORIDE ION'
5 non-polymer 2-AMINO-2-HYDROXYMETHYL-PROPANE-1,3-DIOL
6 water water
#
loop_
_entity_poly.entity_id
_entity_poly.type
_entity_poly.pdbx_seq_one_letter_code
_entity_poly.pdbx_strand_id
1 'polypeptide(L)'
;SVAADLPALPGGPAGGTGELAKYGLPGVAQLRSRESYVLSYDPRTRGALWVLEQLRPERLRGDGDRSACDFREDDSVHAY
HRATNADYRGSGFDRGALAAAANHRWSQRAMDDTFYLSNVAPQVPHLNQNAWNNLERYSRSLTRTYQNVYVCTGPLFLPR
TEADGKSYVKYQVIGKNHVAVPTHFFKVLILEAAGGQIELRSYVMPNAPVDETIPLERFLVPIESIERASGLLFVPNILA
RAGNLKAITAGSK
;
A,B,C,D
2 'polydeoxyribonucleotide' (DC)(DC)(DG)(DG)(DC)(DG)(DC)(DC)(DG)(DG) E
#
# COMPACT_ATOMS: atom_id res chain seq x y z
N GLU A 19 5.66 -4.69 27.73
CA GLU A 19 5.59 -5.97 28.43
C GLU A 19 5.28 -7.16 27.50
N LEU A 20 5.08 -6.90 26.19
CA LEU A 20 4.67 -7.96 25.27
C LEU A 20 5.73 -9.05 25.14
N ALA A 21 7.01 -8.68 25.16
CA ALA A 21 8.08 -9.62 24.82
C ALA A 21 9.07 -9.83 25.97
N LYS A 22 8.56 -9.94 27.21
CA LYS A 22 9.40 -10.11 28.39
C LYS A 22 9.99 -11.52 28.49
N TYR A 23 9.71 -12.39 27.53
CA TYR A 23 10.30 -13.72 27.44
C TYR A 23 11.05 -13.89 26.12
N GLY A 24 11.46 -12.77 25.52
CA GLY A 24 12.29 -12.78 24.34
C GLY A 24 11.58 -13.22 23.09
N LEU A 25 12.21 -12.98 21.98
CA LEU A 25 11.60 -13.37 20.72
C LEU A 25 12.23 -14.66 20.22
N PRO A 26 11.42 -15.66 19.86
CA PRO A 26 11.97 -16.99 19.54
C PRO A 26 12.77 -17.07 18.24
N GLY A 27 12.92 -15.98 17.49
CA GLY A 27 13.64 -16.11 16.24
C GLY A 27 13.87 -14.82 15.50
N VAL A 28 14.96 -14.13 15.86
CA VAL A 28 15.41 -12.95 15.15
C VAL A 28 16.52 -13.34 14.19
N ALA A 29 16.98 -12.37 13.37
CA ALA A 29 17.90 -12.66 12.27
C ALA A 29 19.12 -13.42 12.74
N GLN A 30 19.59 -14.31 11.88
CA GLN A 30 20.71 -15.17 12.19
C GLN A 30 21.89 -14.78 11.32
N LEU A 31 22.43 -13.59 11.60
CA LEU A 31 23.58 -13.08 10.86
C LEU A 31 24.87 -13.69 11.38
N ARG A 32 25.71 -14.14 10.46
CA ARG A 32 27.05 -14.60 10.78
C ARG A 32 27.99 -13.82 9.87
N SER A 33 28.90 -13.07 10.46
CA SER A 33 29.98 -12.44 9.72
C SER A 33 31.23 -13.26 9.99
N ARG A 34 31.69 -13.98 8.97
CA ARG A 34 32.92 -14.74 9.07
C ARG A 34 34.06 -13.95 8.45
N GLU A 35 35.25 -14.57 8.43
CA GLU A 35 36.43 -13.90 7.88
C GLU A 35 36.21 -13.48 6.43
N SER A 36 35.47 -14.30 5.66
CA SER A 36 35.38 -14.17 4.22
C SER A 36 33.97 -13.96 3.69
N TYR A 37 32.95 -13.89 4.55
CA TYR A 37 31.61 -13.62 4.05
C TYR A 37 30.74 -13.18 5.23
N VAL A 38 29.58 -12.63 4.88
CA VAL A 38 28.47 -12.46 5.81
C VAL A 38 27.40 -13.48 5.43
N LEU A 39 26.71 -14.02 6.41
CA LEU A 39 25.77 -15.10 6.21
C LEU A 39 24.46 -14.76 6.92
N SER A 40 23.34 -15.11 6.30
CA SER A 40 22.06 -15.17 6.98
C SER A 40 21.63 -16.62 7.03
N TYR A 41 21.42 -17.13 8.24
CA TYR A 41 21.11 -18.54 8.44
C TYR A 41 19.61 -18.69 8.59
N ASP A 42 19.04 -19.65 7.85
CA ASP A 42 17.68 -20.09 8.06
C ASP A 42 17.68 -21.35 8.93
N PRO A 43 17.29 -21.27 10.20
CA PRO A 43 17.27 -22.48 11.04
C PRO A 43 16.22 -23.50 10.63
N ARG A 44 15.15 -23.10 9.94
CA ARG A 44 14.14 -24.07 9.52
C ARG A 44 14.69 -25.03 8.47
N THR A 45 15.46 -24.53 7.51
CA THR A 45 16.03 -25.35 6.44
C THR A 45 17.42 -25.86 6.78
N ARG A 46 17.99 -25.41 7.90
CA ARG A 46 19.35 -25.79 8.30
C ARG A 46 20.35 -25.46 7.19
N GLY A 47 20.15 -24.30 6.55
CA GLY A 47 21.07 -23.78 5.56
C GLY A 47 21.01 -22.26 5.53
N ALA A 48 21.91 -21.66 4.77
CA ALA A 48 21.92 -20.21 4.66
C ALA A 48 20.80 -19.72 3.77
N LEU A 49 20.21 -18.58 4.13
CA LEU A 49 19.33 -17.88 3.20
CA LEU A 49 19.33 -17.87 3.20
C LEU A 49 20.15 -17.24 2.08
N TRP A 50 21.32 -16.70 2.42
CA TRP A 50 22.22 -16.10 1.45
C TRP A 50 23.59 -15.96 2.08
N VAL A 51 24.59 -15.81 1.21
CA VAL A 51 25.98 -15.59 1.58
C VAL A 51 26.52 -14.47 0.69
N LEU A 52 27.23 -13.52 1.30
CA LEU A 52 27.72 -12.35 0.59
C LEU A 52 29.23 -12.22 0.79
N GLU A 53 29.97 -12.18 -0.31
CA GLU A 53 31.41 -12.00 -0.29
C GLU A 53 31.72 -10.71 -1.02
N GLN A 54 32.97 -10.29 -0.89
CA GLN A 54 33.50 -9.12 -1.59
C GLN A 54 34.81 -9.58 -2.23
N LEU A 55 34.74 -9.99 -3.49
CA LEU A 55 35.93 -10.46 -4.19
C LEU A 55 36.78 -9.29 -4.67
N ARG A 56 38.07 -9.32 -4.33
CA ARG A 56 39.11 -8.45 -4.87
C ARG A 56 40.30 -9.30 -5.28
N PRO A 57 41.06 -8.90 -6.29
CA PRO A 57 42.14 -9.77 -6.79
C PRO A 57 43.17 -10.16 -5.75
N GLU A 58 43.50 -9.28 -4.81
CA GLU A 58 44.43 -9.69 -3.76
C GLU A 58 43.86 -10.85 -2.94
N ARG A 59 42.55 -10.92 -2.79
CA ARG A 59 41.96 -11.96 -1.96
CA ARG A 59 41.97 -11.97 -1.96
C ARG A 59 41.94 -13.32 -2.66
N LEU A 60 42.07 -13.34 -3.99
CA LEU A 60 42.06 -14.59 -4.74
C LEU A 60 43.40 -15.32 -4.71
N ARG A 61 44.51 -14.61 -4.51
CA ARG A 61 45.84 -15.23 -4.49
C ARG A 61 46.27 -15.54 -3.06
N GLY A 62 47.07 -16.57 -2.91
CA GLY A 62 47.66 -16.84 -1.62
C GLY A 62 47.89 -18.31 -1.42
N ASP A 63 48.11 -18.67 -0.16
CA ASP A 63 48.55 -19.99 0.24
C ASP A 63 47.45 -20.86 0.82
N GLY A 64 46.22 -20.36 0.88
CA GLY A 64 45.18 -21.10 1.58
C GLY A 64 44.87 -22.41 0.89
N ASP A 65 44.71 -23.47 1.69
CA ASP A 65 44.26 -24.73 1.13
C ASP A 65 43.55 -25.53 2.20
N ARG A 66 42.72 -26.46 1.73
CA ARG A 66 41.93 -27.36 2.56
C ARG A 66 41.48 -28.54 1.70
N SER A 67 41.44 -29.72 2.30
CA SER A 67 40.93 -30.86 1.56
C SER A 67 39.49 -30.58 1.14
N ALA A 68 39.15 -31.07 -0.05
CA ALA A 68 37.83 -30.83 -0.63
C ALA A 68 36.69 -31.36 0.24
N CYS A 69 36.97 -32.20 1.24
CA CYS A 69 35.93 -32.92 1.97
C CYS A 69 35.96 -32.60 3.46
N ASP A 70 36.78 -31.63 3.86
CA ASP A 70 37.06 -31.33 5.25
C ASP A 70 36.10 -30.23 5.70
N PHE A 71 34.87 -30.64 6.00
CA PHE A 71 33.85 -29.70 6.43
C PHE A 71 33.60 -29.83 7.92
N ARG A 72 33.34 -28.70 8.57
CA ARG A 72 33.06 -28.66 9.98
C ARG A 72 31.66 -28.11 10.21
N GLU A 73 30.92 -28.73 11.12
CA GLU A 73 29.62 -28.19 11.50
C GLU A 73 29.78 -26.93 12.34
N ASP A 74 28.74 -26.11 12.35
CA ASP A 74 28.79 -24.78 12.93
C ASP A 74 28.27 -24.78 14.36
N ASP A 75 29.19 -24.80 15.32
CA ASP A 75 28.88 -24.75 16.75
C ASP A 75 28.16 -23.47 17.17
N SER A 76 28.24 -22.39 16.40
CA SER A 76 27.45 -21.22 16.74
C SER A 76 25.97 -21.39 16.39
N VAL A 77 25.58 -22.51 15.82
CA VAL A 77 24.20 -22.77 15.47
C VAL A 77 23.67 -23.77 16.48
N HIS A 78 22.50 -23.49 17.03
CA HIS A 78 21.91 -24.42 17.99
C HIS A 78 21.83 -25.80 17.36
N ALA A 79 22.19 -26.83 18.15
CA ALA A 79 22.28 -28.17 17.60
C ALA A 79 20.95 -28.62 16.98
N TYR A 80 19.82 -28.08 17.46
CA TYR A 80 18.51 -28.41 16.90
C TYR A 80 18.45 -28.12 15.41
N HIS A 81 19.14 -27.07 14.98
CA HIS A 81 19.02 -26.51 13.63
C HIS A 81 20.33 -26.55 12.88
N ARG A 82 21.25 -27.42 13.27
CA ARG A 82 22.62 -27.37 12.79
C ARG A 82 22.91 -28.58 11.91
N ALA A 83 23.18 -28.33 10.63
CA ALA A 83 23.58 -29.42 9.76
C ALA A 83 24.88 -30.02 10.26
N THR A 84 25.03 -31.31 10.01
CA THR A 84 26.22 -32.03 10.45
C THR A 84 26.73 -32.86 9.30
N ASN A 85 27.96 -33.35 9.45
CA ASN A 85 28.52 -34.16 8.38
C ASN A 85 27.74 -35.44 8.21
N ALA A 86 27.26 -36.03 9.30
CA ALA A 86 26.48 -37.26 9.21
C ALA A 86 25.20 -37.06 8.40
N ASP A 87 24.66 -35.85 8.42
CA ASP A 87 23.48 -35.55 7.61
C ASP A 87 23.74 -35.80 6.14
N TYR A 88 24.92 -35.38 5.65
CA TYR A 88 25.28 -35.53 4.24
C TYR A 88 25.80 -36.93 3.92
N ARG A 89 26.32 -37.65 4.91
CA ARG A 89 26.88 -38.97 4.68
C ARG A 89 25.82 -39.90 4.10
N GLY A 90 26.10 -40.44 2.91
CA GLY A 90 25.21 -41.36 2.26
C GLY A 90 24.09 -40.74 1.46
N SER A 91 23.96 -39.41 1.45
CA SER A 91 22.81 -38.77 0.79
C SER A 91 22.89 -38.79 -0.73
N GLY A 92 24.08 -38.98 -1.30
CA GLY A 92 24.30 -38.73 -2.72
C GLY A 92 24.59 -37.29 -3.06
N PHE A 93 24.69 -36.40 -2.09
CA PHE A 93 24.79 -34.97 -2.33
C PHE A 93 26.15 -34.46 -1.95
N ASP A 94 26.69 -33.57 -2.77
CA ASP A 94 27.90 -32.87 -2.40
C ASP A 94 27.55 -31.83 -1.35
N ARG A 95 28.50 -31.56 -0.48
CA ARG A 95 28.43 -30.42 0.44
C ARG A 95 28.83 -29.19 -0.35
N GLY A 96 27.86 -28.58 -1.03
CA GLY A 96 28.16 -27.45 -1.90
C GLY A 96 28.37 -26.15 -1.16
N ALA A 97 29.61 -25.66 -1.13
CA ALA A 97 29.87 -24.37 -0.49
C ALA A 97 29.22 -23.25 -1.29
N LEU A 98 28.64 -22.29 -0.57
CA LEU A 98 28.03 -21.12 -1.19
C LEU A 98 29.07 -20.04 -1.47
N ALA A 99 29.73 -19.56 -0.42
CA ALA A 99 30.96 -18.79 -0.56
C ALA A 99 32.10 -19.77 -0.88
N ALA A 100 32.54 -19.80 -2.14
CA ALA A 100 33.46 -20.82 -2.61
C ALA A 100 34.84 -20.68 -1.99
N ALA A 101 35.46 -21.81 -1.71
CA ALA A 101 36.77 -21.78 -1.05
C ALA A 101 37.80 -21.04 -1.87
N ALA A 102 37.83 -21.27 -3.19
CA ALA A 102 38.88 -20.70 -4.02
C ALA A 102 38.85 -19.18 -4.05
N ASN A 103 37.80 -18.55 -3.52
CA ASN A 103 37.67 -17.11 -3.40
C ASN A 103 38.45 -16.54 -2.23
N HIS A 104 39.04 -17.37 -1.39
CA HIS A 104 39.64 -16.86 -0.15
C HIS A 104 40.98 -17.51 0.13
N ARG A 105 41.87 -17.51 -0.86
CA ARG A 105 43.19 -18.10 -0.70
C ARG A 105 44.15 -17.20 0.06
N TRP A 106 43.83 -15.90 0.20
CA TRP A 106 44.75 -14.96 0.83
C TRP A 106 45.08 -15.36 2.26
N SER A 107 44.07 -15.73 3.05
CA SER A 107 44.26 -16.09 4.46
C SER A 107 43.83 -17.52 4.68
N GLN A 108 44.62 -18.28 5.43
CA GLN A 108 44.20 -19.63 5.76
C GLN A 108 42.93 -19.60 6.59
N ARG A 109 42.81 -18.63 7.50
CA ARG A 109 41.60 -18.55 8.30
C ARG A 109 40.39 -18.21 7.43
N ALA A 110 40.58 -17.31 6.46
CA ALA A 110 39.50 -16.93 5.56
C ALA A 110 38.99 -18.11 4.78
N MET A 111 39.89 -18.94 4.26
CA MET A 111 39.45 -20.12 3.53
C MET A 111 38.73 -21.09 4.45
N ASP A 112 39.23 -21.22 5.68
CA ASP A 112 38.62 -22.13 6.64
C ASP A 112 37.15 -21.81 6.86
N ASP A 113 36.82 -20.52 6.96
CA ASP A 113 35.44 -20.16 7.28
C ASP A 113 34.45 -20.64 6.22
N THR A 114 34.90 -20.85 4.98
CA THR A 114 34.04 -21.41 3.94
C THR A 114 33.76 -22.90 4.12
N PHE A 115 34.35 -23.56 5.10
CA PHE A 115 34.14 -24.98 5.31
C PHE A 115 33.20 -25.27 6.46
N TYR A 116 32.66 -24.24 7.10
CA TYR A 116 31.54 -24.43 8.00
C TYR A 116 30.32 -24.89 7.21
N LEU A 117 29.64 -25.93 7.71
CA LEU A 117 28.44 -26.45 7.04
C LEU A 117 27.34 -25.40 6.95
N SER A 118 27.36 -24.37 7.81
CA SER A 118 26.40 -23.29 7.67
C SER A 118 26.63 -22.50 6.39
N ASN A 119 27.73 -22.75 5.70
CA ASN A 119 28.02 -22.14 4.40
C ASN A 119 27.72 -23.08 3.24
N VAL A 120 27.20 -24.29 3.49
CA VAL A 120 27.01 -25.26 2.41
C VAL A 120 25.55 -25.70 2.38
N ALA A 121 25.19 -26.33 1.26
CA ALA A 121 23.86 -26.82 0.97
C ALA A 121 24.03 -28.10 0.15
N PRO A 122 23.11 -29.06 0.27
CA PRO A 122 23.21 -30.29 -0.52
C PRO A 122 23.05 -29.97 -1.99
N GLN A 123 23.98 -30.46 -2.79
CA GLN A 123 24.14 -30.00 -4.15
C GLN A 123 24.51 -31.21 -4.97
N VAL A 124 23.78 -31.44 -6.06
CA VAL A 124 24.07 -32.55 -6.97
C VAL A 124 25.55 -32.48 -7.31
N PRO A 125 26.29 -33.59 -7.21
CA PRO A 125 27.75 -33.52 -7.45
C PRO A 125 28.10 -33.00 -8.84
N HIS A 126 27.33 -33.38 -9.85
CA HIS A 126 27.69 -33.01 -11.20
C HIS A 126 27.60 -31.50 -11.40
N LEU A 127 26.71 -30.84 -10.68
CA LEU A 127 26.59 -29.40 -10.79
C LEU A 127 27.70 -28.71 -10.03
N ASN A 128 27.93 -29.16 -8.80
CA ASN A 128 28.96 -28.60 -7.95
C ASN A 128 30.31 -28.58 -8.64
N GLN A 129 30.66 -29.65 -9.33
CA GLN A 129 31.99 -29.81 -9.93
C GLN A 129 32.13 -29.19 -11.31
N ASN A 130 31.01 -28.91 -11.98
CA ASN A 130 31.08 -28.57 -13.39
C ASN A 130 30.45 -27.18 -13.57
N ALA A 131 29.18 -27.10 -13.98
CA ALA A 131 28.63 -25.81 -14.36
C ALA A 131 28.71 -24.80 -13.22
N TRP A 132 28.44 -25.24 -11.99
CA TRP A 132 28.51 -24.31 -10.87
C TRP A 132 29.94 -23.87 -10.62
N ASN A 133 30.91 -24.77 -10.81
CA ASN A 133 32.30 -24.39 -10.70
C ASN A 133 32.69 -23.42 -11.82
N ASN A 134 32.18 -23.65 -13.03
CA ASN A 134 32.42 -22.71 -14.11
CA ASN A 134 32.40 -22.71 -14.11
C ASN A 134 31.88 -21.32 -13.75
N LEU A 135 30.72 -21.28 -13.08
CA LEU A 135 30.18 -19.98 -12.66
C LEU A 135 31.11 -19.32 -11.66
N GLU A 136 31.55 -20.08 -10.65
CA GLU A 136 32.48 -19.55 -9.68
C GLU A 136 33.78 -19.07 -10.35
N ARG A 137 34.25 -19.82 -11.36
CA ARG A 137 35.46 -19.43 -12.09
C ARG A 137 35.24 -18.12 -12.83
N TYR A 138 34.13 -18.01 -13.56
CA TYR A 138 33.81 -16.76 -14.23
C TYR A 138 33.70 -15.61 -13.24
N SER A 139 33.08 -15.88 -12.08
CA SER A 139 32.97 -14.87 -11.03
C SER A 139 34.33 -14.28 -10.67
N ARG A 140 35.28 -15.15 -10.32
CA ARG A 140 36.60 -14.67 -9.94
C ARG A 140 37.25 -13.89 -11.08
N SER A 141 37.01 -14.32 -12.32
CA SER A 141 37.69 -13.71 -13.45
C SER A 141 37.37 -12.23 -13.59
N LEU A 142 36.26 -11.76 -13.00
CA LEU A 142 35.90 -10.35 -13.12
C LEU A 142 36.62 -9.45 -12.12
N THR A 143 37.38 -9.99 -11.17
CA THR A 143 38.23 -9.11 -10.37
C THR A 143 39.25 -8.35 -11.20
N ARG A 144 39.57 -8.84 -12.41
CA ARG A 144 40.49 -8.12 -13.28
C ARG A 144 39.86 -6.85 -13.80
N THR A 145 38.54 -6.84 -13.97
CA THR A 145 37.84 -5.74 -14.59
C THR A 145 37.15 -4.81 -13.59
N TYR A 146 36.72 -5.31 -12.42
CA TYR A 146 35.98 -4.51 -11.46
C TYR A 146 36.74 -4.39 -10.15
N GLN A 147 36.60 -3.22 -9.52
CA GLN A 147 37.30 -2.95 -8.28
C GLN A 147 36.85 -3.90 -7.17
N ASN A 148 35.53 -4.15 -7.09
CA ASN A 148 34.92 -5.10 -6.18
C ASN A 148 33.91 -5.94 -6.93
N VAL A 149 33.99 -7.26 -6.76
CA VAL A 149 32.95 -8.19 -7.20
C VAL A 149 32.27 -8.70 -5.93
N TYR A 150 31.07 -8.19 -5.64
CA TYR A 150 30.26 -8.74 -4.57
C TYR A 150 29.48 -9.94 -5.13
N VAL A 151 29.61 -11.08 -4.46
CA VAL A 151 28.88 -12.28 -4.83
C VAL A 151 27.86 -12.58 -3.74
N CYS A 152 26.60 -12.67 -4.13
CA CYS A 152 25.56 -13.12 -3.22
C CYS A 152 25.05 -14.45 -3.75
N THR A 153 25.14 -15.48 -2.94
CA THR A 153 24.83 -16.85 -3.34
C THR A 153 23.86 -17.45 -2.35
N GLY A 154 22.94 -18.27 -2.84
CA GLY A 154 21.99 -18.87 -1.95
C GLY A 154 21.03 -19.83 -2.60
N PRO A 155 20.29 -20.56 -1.78
CA PRO A 155 19.37 -21.57 -2.29
C PRO A 155 18.07 -20.94 -2.77
N LEU A 156 17.39 -21.69 -3.64
CA LEU A 156 16.00 -21.42 -3.99
C LEU A 156 15.18 -22.70 -3.84
N PHE A 157 13.90 -22.51 -3.53
CA PHE A 157 12.95 -23.61 -3.48
C PHE A 157 11.76 -23.20 -4.34
N LEU A 158 11.76 -23.64 -5.60
CA LEU A 158 10.82 -23.17 -6.61
C LEU A 158 9.66 -24.13 -6.79
N PRO A 159 8.45 -23.62 -6.97
CA PRO A 159 7.29 -24.50 -7.14
C PRO A 159 7.25 -25.15 -8.51
N ARG A 160 6.64 -26.32 -8.56
CA ARG A 160 6.31 -27.00 -9.82
C ARG A 160 4.81 -27.23 -9.86
N THR A 161 4.27 -27.27 -11.08
CA THR A 161 2.85 -27.50 -11.30
C THR A 161 2.61 -29.00 -11.46
N GLU A 162 1.86 -29.59 -10.55
CA GLU A 162 1.58 -31.02 -10.64
C GLU A 162 0.30 -31.27 -11.46
N ALA A 163 0.06 -32.55 -11.79
CA ALA A 163 -1.01 -32.89 -12.74
C ALA A 163 -2.38 -32.40 -12.27
N ASP A 164 -2.62 -32.41 -10.96
CA ASP A 164 -3.87 -31.88 -10.42
C ASP A 164 -4.11 -30.39 -10.76
N GLY A 165 -3.38 -29.70 -11.64
CA GLY A 165 -3.52 -28.27 -11.84
C GLY A 165 -2.78 -27.37 -10.85
N LYS A 166 -2.44 -27.86 -9.67
CA LYS A 166 -1.94 -27.04 -8.57
C LYS A 166 -0.41 -26.94 -8.56
N SER A 167 0.11 -26.04 -7.73
CA SER A 167 1.53 -25.75 -7.66
C SER A 167 2.09 -26.12 -6.29
N TYR A 168 3.24 -26.78 -6.29
CA TYR A 168 3.82 -27.25 -5.04
C TYR A 168 5.32 -26.94 -4.97
N VAL A 169 5.77 -26.59 -3.78
CA VAL A 169 7.18 -26.61 -3.44
C VAL A 169 7.49 -27.99 -2.89
N LYS A 170 8.46 -28.68 -3.49
CA LYS A 170 8.77 -30.03 -3.06
C LYS A 170 10.27 -30.22 -3.06
N TYR A 171 10.82 -30.61 -1.92
CA TYR A 171 12.25 -30.74 -1.83
C TYR A 171 12.60 -31.78 -0.78
N GLN A 172 13.69 -32.50 -1.04
CA GLN A 172 14.14 -33.54 -0.13
C GLN A 172 14.82 -32.92 1.08
N VAL A 173 14.76 -33.63 2.18
CA VAL A 173 15.55 -33.32 3.37
C VAL A 173 16.39 -34.55 3.67
N ILE A 174 17.63 -34.32 4.02
CA ILE A 174 18.55 -35.43 4.22
C ILE A 174 19.04 -35.39 5.66
N GLY A 175 19.32 -36.58 6.19
CA GLY A 175 19.90 -36.69 7.53
C GLY A 175 18.87 -36.65 8.62
N LYS A 176 19.34 -36.88 9.85
CA LYS A 176 18.47 -36.78 11.01
C LYS A 176 18.03 -35.34 11.28
N ASN A 177 18.76 -34.35 10.74
CA ASN A 177 18.41 -32.96 10.92
C ASN A 177 17.54 -32.42 9.80
N HIS A 178 17.17 -33.25 8.84
CA HIS A 178 16.22 -32.85 7.81
C HIS A 178 16.71 -31.59 7.10
N VAL A 179 17.95 -31.67 6.61
CA VAL A 179 18.57 -30.55 5.92
C VAL A 179 17.94 -30.41 4.54
N ALA A 180 17.46 -29.21 4.23
CA ALA A 180 16.75 -29.01 2.97
C ALA A 180 17.68 -29.10 1.77
N VAL A 181 17.23 -29.82 0.74
CA VAL A 181 17.93 -29.90 -0.54
C VAL A 181 17.28 -28.89 -1.49
N PRO A 182 17.93 -27.77 -1.81
CA PRO A 182 17.32 -26.77 -2.70
C PRO A 182 17.00 -27.35 -4.06
N THR A 183 16.01 -26.74 -4.72
CA THR A 183 15.70 -27.04 -6.11
C THR A 183 16.62 -26.31 -7.08
N HIS A 184 17.06 -25.10 -6.72
CA HIS A 184 17.94 -24.34 -7.59
C HIS A 184 18.90 -23.53 -6.74
N PHE A 185 19.94 -23.04 -7.38
CA PHE A 185 20.85 -22.11 -6.73
C PHE A 185 20.84 -20.79 -7.48
N PHE A 186 20.94 -19.69 -6.73
CA PHE A 186 21.01 -18.38 -7.33
C PHE A 186 22.36 -17.75 -7.01
N LYS A 187 22.90 -17.03 -7.99
CA LYS A 187 24.10 -16.24 -7.78
C LYS A 187 23.86 -14.87 -8.39
N VAL A 188 24.14 -13.84 -7.60
CA VAL A 188 23.95 -12.46 -7.98
C VAL A 188 25.31 -11.80 -7.88
N LEU A 189 25.78 -11.26 -8.99
CA LEU A 189 27.06 -10.57 -9.05
C LEU A 189 26.81 -9.08 -9.04
N ILE A 190 27.29 -8.39 -8.02
CA ILE A 190 27.22 -6.93 -7.96
C ILE A 190 28.60 -6.39 -8.29
N LEU A 191 28.74 -5.86 -9.51
CA LEU A 191 30.02 -5.46 -10.10
C LEU A 191 30.20 -3.96 -9.95
N GLU A 192 31.08 -3.54 -9.04
CA GLU A 192 31.31 -2.13 -8.80
C GLU A 192 32.61 -1.71 -9.46
N ALA A 193 32.52 -0.71 -10.33
CA ALA A 193 33.67 -0.19 -11.06
C ALA A 193 34.45 0.80 -10.19
N ALA A 194 35.74 0.91 -10.47
CA ALA A 194 36.52 1.97 -9.84
C ALA A 194 35.92 3.35 -10.11
N GLY A 195 35.25 3.51 -11.26
CA GLY A 195 34.42 4.67 -11.50
C GLY A 195 33.21 4.65 -10.59
N GLY A 196 32.07 5.19 -11.02
CA GLY A 196 30.92 5.06 -10.15
C GLY A 196 30.08 3.82 -10.38
N GLN A 197 30.24 3.21 -11.55
CA GLN A 197 29.21 2.37 -12.13
C GLN A 197 29.02 1.08 -11.33
N ILE A 198 27.83 0.50 -11.50
CA ILE A 198 27.48 -0.75 -10.84
C ILE A 198 26.65 -1.56 -11.83
N GLU A 199 27.17 -2.72 -12.23
CA GLU A 199 26.44 -3.64 -13.10
C GLU A 199 26.01 -4.82 -12.25
N LEU A 200 24.90 -5.44 -12.66
CA LEU A 200 24.28 -6.49 -11.88
C LEU A 200 24.01 -7.68 -12.79
N ARG A 201 24.61 -8.81 -12.47
CA ARG A 201 24.46 -10.02 -13.27
C ARG A 201 24.00 -11.13 -12.33
N SER A 202 22.81 -11.67 -12.57
CA SER A 202 22.30 -12.67 -11.65
C SER A 202 21.90 -13.94 -12.40
N TYR A 203 22.19 -15.07 -11.75
CA TYR A 203 22.17 -16.40 -12.37
C TYR A 203 21.34 -17.36 -11.54
N VAL A 204 20.66 -18.30 -12.21
CA VAL A 204 19.94 -19.37 -11.54
C VAL A 204 20.23 -20.66 -12.29
N MET A 205 20.59 -21.72 -11.54
CA MET A 205 20.83 -23.05 -12.08
C MET A 205 20.04 -24.08 -11.28
N PRO A 206 19.50 -25.10 -11.93
CA PRO A 206 18.76 -26.13 -11.20
C PRO A 206 19.71 -27.04 -10.45
N ASN A 207 19.29 -27.47 -9.24
CA ASN A 207 20.00 -28.49 -8.47
C ASN A 207 19.86 -29.83 -9.18
N ALA A 208 20.67 -30.01 -10.21
CA ALA A 208 20.59 -31.14 -11.12
C ALA A 208 21.86 -31.16 -11.96
N PRO A 209 22.14 -32.26 -12.65
CA PRO A 209 23.30 -32.26 -13.55
C PRO A 209 23.08 -31.31 -14.70
N VAL A 210 23.84 -30.21 -14.74
CA VAL A 210 23.72 -29.18 -15.77
C VAL A 210 24.79 -29.42 -16.82
N ASP A 211 24.37 -29.53 -18.08
CA ASP A 211 25.29 -29.71 -19.18
C ASP A 211 26.37 -28.62 -19.17
N GLU A 212 27.61 -28.99 -18.85
CA GLU A 212 28.67 -28.01 -18.64
C GLU A 212 29.01 -27.23 -19.90
N THR A 213 28.51 -27.65 -21.06
CA THR A 213 28.80 -26.93 -22.29
C THR A 213 27.90 -25.72 -22.49
N ILE A 214 26.79 -25.63 -21.78
CA ILE A 214 25.87 -24.51 -22.03
C ILE A 214 26.53 -23.21 -21.58
N PRO A 215 26.58 -22.17 -22.40
CA PRO A 215 27.17 -20.91 -21.96
C PRO A 215 26.49 -20.39 -20.69
N LEU A 216 27.31 -19.89 -19.75
CA LEU A 216 26.80 -19.45 -18.46
C LEU A 216 25.73 -18.38 -18.64
N GLU A 217 25.82 -17.59 -19.71
CA GLU A 217 24.88 -16.51 -19.94
C GLU A 217 23.48 -17.04 -20.16
N ARG A 218 23.34 -18.27 -20.65
CA ARG A 218 22.00 -18.86 -20.79
C ARG A 218 21.31 -19.10 -19.46
N PHE A 219 22.05 -19.07 -18.35
CA PHE A 219 21.44 -19.12 -17.03
C PHE A 219 21.27 -17.74 -16.43
N LEU A 220 21.41 -16.68 -17.22
CA LEU A 220 21.06 -15.35 -16.76
C LEU A 220 19.57 -15.30 -16.48
N VAL A 221 19.20 -14.50 -15.47
CA VAL A 221 17.79 -14.27 -15.14
C VAL A 221 17.65 -12.84 -14.64
N PRO A 222 16.50 -12.20 -14.82
CA PRO A 222 16.30 -10.86 -14.28
C PRO A 222 16.34 -10.88 -12.77
N ILE A 223 16.94 -9.86 -12.17
CA ILE A 223 17.08 -9.83 -10.72
C ILE A 223 15.72 -9.91 -10.04
N GLU A 224 14.70 -9.29 -10.63
CA GLU A 224 13.38 -9.27 -10.01
C GLU A 224 12.89 -10.67 -9.70
N SER A 225 13.10 -11.61 -10.62
CA SER A 225 12.61 -12.95 -10.37
C SER A 225 13.38 -13.63 -9.24
N ILE A 226 14.66 -13.30 -9.06
CA ILE A 226 15.37 -13.84 -7.92
C ILE A 226 14.89 -13.18 -6.63
N GLU A 227 14.66 -11.88 -6.67
CA GLU A 227 14.05 -11.19 -5.54
C GLU A 227 12.70 -11.80 -5.18
N ARG A 228 11.86 -12.06 -6.19
CA ARG A 228 10.51 -12.56 -5.93
C ARG A 228 10.53 -13.94 -5.30
N ALA A 229 11.43 -14.82 -5.76
CA ALA A 229 11.40 -16.21 -5.31
C ALA A 229 12.07 -16.37 -3.95
N SER A 230 13.15 -15.62 -3.73
CA SER A 230 14.02 -15.75 -2.58
C SER A 230 13.57 -14.94 -1.38
N GLY A 231 12.64 -14.02 -1.55
CA GLY A 231 12.29 -13.10 -0.49
C GLY A 231 13.37 -12.08 -0.18
N LEU A 232 14.37 -11.94 -1.04
CA LEU A 232 15.44 -11.00 -0.83
C LEU A 232 15.25 -9.77 -1.72
N LEU A 233 15.93 -8.68 -1.34
CA LEU A 233 15.84 -7.42 -2.05
C LEU A 233 17.25 -6.92 -2.32
N PHE A 234 17.58 -6.83 -3.61
CA PHE A 234 18.88 -6.30 -4.01
C PHE A 234 18.75 -4.89 -4.57
N VAL A 235 17.93 -4.69 -5.60
CA VAL A 235 17.91 -3.43 -6.37
C VAL A 235 17.69 -2.22 -5.49
N PRO A 236 16.82 -2.26 -4.46
CA PRO A 236 16.70 -1.04 -3.63
C PRO A 236 17.91 -0.82 -2.75
N ASN A 237 18.49 -1.90 -2.21
CA ASN A 237 19.71 -1.76 -1.41
C ASN A 237 20.79 -1.04 -2.19
N ILE A 238 21.02 -1.45 -3.44
CA ILE A 238 22.10 -0.88 -4.23
C ILE A 238 21.77 0.56 -4.61
N LEU A 239 20.60 0.77 -5.25
CA LEU A 239 20.18 2.07 -5.82
C LEU A 239 20.01 3.18 -4.78
N ALA A 240 20.41 2.96 -3.52
CA ALA A 240 20.37 3.99 -2.49
C ALA A 240 21.68 4.03 -1.71
N ARG A 241 22.81 3.76 -2.38
CA ARG A 241 24.13 3.81 -1.76
C ARG A 241 25.13 4.50 -2.68
N GLY B 18 34.35 -5.22 7.17
CA GLY B 18 34.55 -3.81 6.93
C GLY B 18 33.59 -3.19 5.91
N GLU B 19 33.94 -3.31 4.63
CA GLU B 19 33.09 -2.83 3.53
C GLU B 19 32.36 -3.97 2.83
N LEU B 20 32.11 -5.07 3.56
CA LEU B 20 31.33 -6.17 3.01
C LEU B 20 29.84 -5.85 3.02
N ALA B 21 29.39 -5.01 3.95
CA ALA B 21 28.01 -4.53 4.00
C ALA B 21 27.91 -3.06 3.60
N LYS B 22 28.43 -2.70 2.42
CA LYS B 22 28.38 -1.32 1.93
C LYS B 22 27.12 -1.02 1.11
N TYR B 23 26.56 -2.01 0.42
CA TYR B 23 25.33 -1.82 -0.35
C TYR B 23 24.12 -2.45 0.33
N GLY B 24 24.21 -2.71 1.64
CA GLY B 24 23.11 -3.31 2.37
C GLY B 24 22.98 -4.79 2.12
N LEU B 25 22.52 -5.50 3.09
CA LEU B 25 22.34 -6.93 2.98
C LEU B 25 20.98 -7.26 2.39
N PRO B 26 20.88 -8.36 1.62
CA PRO B 26 19.63 -8.63 0.88
C PRO B 26 18.40 -8.82 1.75
N GLY B 27 18.52 -9.58 2.83
CA GLY B 27 17.39 -9.84 3.70
C GLY B 27 17.71 -9.56 5.15
N VAL B 28 16.70 -9.10 5.88
CA VAL B 28 16.83 -8.72 7.28
C VAL B 28 15.86 -9.57 8.12
N ALA B 29 16.04 -9.51 9.44
CA ALA B 29 14.97 -9.87 10.37
C ALA B 29 13.79 -8.92 10.17
N GLN B 30 12.65 -9.45 9.75
CA GLN B 30 11.50 -8.63 9.46
C GLN B 30 10.51 -8.72 10.61
N LEU B 31 10.78 -7.94 11.64
CA LEU B 31 9.85 -7.88 12.76
C LEU B 31 8.78 -6.83 12.47
N ARG B 32 7.57 -7.10 12.97
CA ARG B 32 6.46 -6.16 12.88
C ARG B 32 5.79 -6.08 14.24
N SER B 33 5.74 -4.89 14.80
CA SER B 33 5.18 -4.63 16.10
C SER B 33 3.88 -3.87 15.91
N ARG B 34 2.78 -4.60 15.94
CA ARG B 34 1.45 -4.05 15.78
CA ARG B 34 1.47 -4.00 15.78
C ARG B 34 0.83 -3.77 17.14
N GLU B 35 -0.43 -3.32 17.15
CA GLU B 35 -1.05 -3.00 18.43
C GLU B 35 -1.36 -4.25 19.24
N SER B 36 -1.68 -5.37 18.57
CA SER B 36 -2.15 -6.57 19.25
C SER B 36 -1.16 -7.72 19.26
N TYR B 37 -0.01 -7.59 18.59
CA TYR B 37 0.90 -8.72 18.51
C TYR B 37 2.23 -8.25 17.94
N VAL B 38 3.27 -9.06 18.16
CA VAL B 38 4.57 -8.94 17.50
C VAL B 38 4.67 -10.03 16.43
N LEU B 39 5.18 -9.66 15.27
CA LEU B 39 5.22 -10.57 14.14
C LEU B 39 6.66 -10.69 13.65
N SER B 40 6.96 -11.83 13.03
CA SER B 40 8.23 -12.08 12.36
C SER B 40 7.90 -12.63 10.99
N TYR B 41 8.25 -11.89 9.95
CA TYR B 41 7.79 -12.21 8.61
C TYR B 41 8.83 -13.03 7.86
N ASP B 42 8.32 -13.92 6.99
CA ASP B 42 9.11 -14.73 6.08
C ASP B 42 8.71 -14.34 4.67
N PRO B 43 9.48 -13.51 3.99
CA PRO B 43 9.13 -13.14 2.60
C PRO B 43 9.24 -14.28 1.61
N ARG B 44 9.93 -15.36 1.96
CA ARG B 44 10.03 -16.50 1.07
C ARG B 44 8.72 -17.28 1.02
N THR B 45 8.14 -17.55 2.20
CA THR B 45 6.85 -18.23 2.28
C THR B 45 5.67 -17.27 2.18
N ARG B 46 5.93 -15.95 2.24
CA ARG B 46 4.86 -14.95 2.25
C ARG B 46 3.95 -15.14 3.47
N GLY B 47 4.53 -15.61 4.56
CA GLY B 47 3.78 -15.78 5.79
C GLY B 47 4.66 -15.52 6.99
N ALA B 48 4.03 -15.25 8.12
CA ALA B 48 4.80 -15.04 9.34
C ALA B 48 5.49 -16.35 9.75
N LEU B 49 6.69 -16.22 10.32
CA LEU B 49 7.36 -17.36 10.96
C LEU B 49 6.72 -17.68 12.30
N TRP B 50 6.44 -16.64 13.08
CA TRP B 50 5.75 -16.76 14.35
C TRP B 50 5.02 -15.46 14.62
N VAL B 51 4.09 -15.51 15.57
CA VAL B 51 3.33 -14.34 16.01
C VAL B 51 3.19 -14.43 17.53
N LEU B 52 3.41 -13.31 18.21
CA LEU B 52 3.48 -13.31 19.67
C LEU B 52 2.45 -12.33 20.22
N GLU B 53 1.56 -12.84 21.09
CA GLU B 53 0.60 -11.99 21.76
C GLU B 53 0.70 -12.20 23.25
N GLN B 54 0.22 -11.21 23.96
CA GLN B 54 -0.02 -11.30 25.39
C GLN B 54 -1.51 -11.17 25.61
N LEU B 55 -2.13 -12.21 26.12
CA LEU B 55 -3.56 -12.24 26.37
C LEU B 55 -3.87 -11.69 27.75
N ARG B 56 -4.84 -10.78 27.81
CA ARG B 56 -5.30 -10.25 29.08
C ARG B 56 -6.82 -10.29 29.12
N PRO B 57 -7.42 -10.60 30.27
CA PRO B 57 -8.90 -10.63 30.33
C PRO B 57 -9.54 -9.31 29.89
N GLU B 58 -9.07 -8.18 30.42
CA GLU B 58 -9.38 -6.85 29.93
C GLU B 58 -9.39 -6.72 28.40
N ARG B 59 -8.49 -7.44 27.73
CA ARG B 59 -8.33 -7.31 26.29
C ARG B 59 -9.38 -8.10 25.51
N LEU B 60 -10.07 -9.03 26.18
CA LEU B 60 -10.97 -9.96 25.51
C LEU B 60 -12.38 -9.41 25.38
N ARG B 61 -12.75 -8.52 26.30
CA ARG B 61 -14.03 -7.83 26.24
C ARG B 61 -13.83 -6.51 25.51
N GLY B 62 -14.93 -5.85 25.20
CA GLY B 62 -14.91 -4.65 24.41
C GLY B 62 -15.81 -4.79 23.19
N ASP B 63 -15.90 -3.70 22.45
CA ASP B 63 -16.88 -3.58 21.37
C ASP B 63 -16.24 -3.70 19.99
N GLY B 64 -15.14 -4.45 19.87
CA GLY B 64 -14.45 -4.58 18.60
C GLY B 64 -15.06 -5.68 17.74
N ASP B 65 -15.25 -5.36 16.47
CA ASP B 65 -15.83 -6.31 15.52
C ASP B 65 -15.37 -5.93 14.13
N ARG B 66 -15.27 -6.92 13.25
CA ARG B 66 -15.33 -6.63 11.82
C ARG B 66 -15.69 -7.91 11.08
N SER B 67 -16.02 -7.76 9.80
CA SER B 67 -16.45 -8.91 9.00
C SER B 67 -15.41 -10.00 9.02
N ALA B 68 -15.88 -11.24 9.01
CA ALA B 68 -14.97 -12.37 8.95
C ALA B 68 -14.06 -12.29 7.74
N CYS B 69 -14.54 -11.72 6.64
CA CYS B 69 -13.80 -11.79 5.39
C CYS B 69 -13.01 -10.52 5.08
N ASP B 70 -12.87 -9.60 6.02
CA ASP B 70 -12.31 -8.29 5.74
C ASP B 70 -10.84 -8.25 6.10
N PHE B 71 -10.01 -8.83 5.23
CA PHE B 71 -8.57 -8.85 5.43
C PHE B 71 -7.88 -7.81 4.53
N ARG B 72 -6.72 -7.35 4.99
CA ARG B 72 -5.96 -6.32 4.31
C ARG B 72 -4.56 -6.84 3.98
N GLU B 73 -4.09 -6.56 2.77
CA GLU B 73 -2.71 -6.86 2.45
C GLU B 73 -1.79 -5.91 3.21
N ASP B 74 -0.59 -6.40 3.56
CA ASP B 74 0.32 -5.65 4.42
C ASP B 74 1.19 -4.72 3.55
N ASP B 75 0.82 -3.43 3.56
CA ASP B 75 1.49 -2.44 2.74
C ASP B 75 2.96 -2.29 3.11
N SER B 76 3.32 -2.61 4.35
CA SER B 76 4.69 -2.48 4.83
C SER B 76 5.56 -3.65 4.44
N VAL B 77 5.06 -4.57 3.63
CA VAL B 77 5.85 -5.69 3.11
C VAL B 77 6.00 -5.47 1.62
N HIS B 78 7.23 -5.50 1.15
CA HIS B 78 7.51 -5.20 -0.24
C HIS B 78 6.62 -6.05 -1.14
N ALA B 79 6.16 -5.44 -2.24
CA ALA B 79 5.10 -6.05 -3.05
C ALA B 79 5.50 -7.42 -3.57
N TYR B 80 6.81 -7.68 -3.75
CA TYR B 80 7.24 -8.97 -4.27
C TYR B 80 6.96 -10.11 -3.32
N HIS B 81 6.84 -9.82 -2.02
CA HIS B 81 6.78 -10.82 -0.97
C HIS B 81 5.50 -10.74 -0.17
N ARG B 82 4.52 -10.02 -0.71
CA ARG B 82 3.31 -9.66 0.01
C ARG B 82 2.16 -10.55 -0.43
N ALA B 83 1.51 -11.20 0.53
CA ALA B 83 0.28 -11.92 0.27
C ALA B 83 -0.84 -10.95 -0.03
N THR B 84 -1.74 -11.35 -0.93
CA THR B 84 -2.87 -10.54 -1.34
C THR B 84 -4.14 -11.38 -1.28
N ASN B 85 -5.27 -10.67 -1.18
CA ASN B 85 -6.55 -11.35 -1.18
C ASN B 85 -6.75 -12.17 -2.45
N ALA B 86 -6.16 -11.76 -3.57
CA ALA B 86 -6.31 -12.54 -4.80
C ALA B 86 -5.56 -13.86 -4.71
N ASP B 87 -4.48 -13.90 -3.94
CA ASP B 87 -3.76 -15.16 -3.73
C ASP B 87 -4.67 -16.21 -3.10
N TYR B 88 -5.52 -15.80 -2.15
CA TYR B 88 -6.40 -16.77 -1.51
C TYR B 88 -7.68 -17.01 -2.30
N ARG B 89 -8.07 -16.12 -3.20
CA ARG B 89 -9.37 -16.22 -3.84
C ARG B 89 -9.39 -17.45 -4.73
N GLY B 90 -10.36 -18.34 -4.49
CA GLY B 90 -10.46 -19.56 -5.25
C GLY B 90 -9.42 -20.58 -4.91
N SER B 91 -8.67 -20.40 -3.83
CA SER B 91 -7.69 -21.41 -3.44
C SER B 91 -8.31 -22.55 -2.67
N GLY B 92 -9.54 -22.39 -2.16
CA GLY B 92 -10.14 -23.37 -1.27
C GLY B 92 -9.69 -23.30 0.17
N PHE B 93 -8.75 -22.42 0.50
CA PHE B 93 -8.23 -22.30 1.84
C PHE B 93 -8.79 -21.05 2.48
N ASP B 94 -8.95 -21.11 3.79
CA ASP B 94 -9.33 -19.92 4.51
C ASP B 94 -8.10 -19.06 4.76
N ARG B 95 -8.36 -17.81 5.09
CA ARG B 95 -7.33 -16.95 5.64
C ARG B 95 -7.36 -17.12 7.15
N GLY B 96 -6.58 -18.08 7.64
CA GLY B 96 -6.50 -18.31 9.07
C GLY B 96 -5.63 -17.29 9.77
N ALA B 97 -6.24 -16.38 10.50
CA ALA B 97 -5.44 -15.46 11.29
C ALA B 97 -4.64 -16.25 12.33
N LEU B 98 -3.43 -15.77 12.62
CA LEU B 98 -2.55 -16.36 13.60
C LEU B 98 -2.81 -15.79 14.98
N ALA B 99 -2.60 -14.48 15.13
CA ALA B 99 -3.17 -13.73 16.24
C ALA B 99 -4.66 -13.62 15.98
N ALA B 100 -5.45 -14.29 16.82
CA ALA B 100 -6.88 -14.39 16.58
C ALA B 100 -7.56 -13.06 16.84
N ALA B 101 -8.54 -12.73 16.01
CA ALA B 101 -9.24 -11.45 16.17
C ALA B 101 -9.86 -11.34 17.56
N ALA B 102 -10.54 -12.39 18.01
CA ALA B 102 -11.31 -12.35 19.26
C ALA B 102 -10.40 -12.24 20.49
N ASN B 103 -9.09 -12.25 20.29
CA ASN B 103 -8.18 -11.99 21.39
C ASN B 103 -7.98 -10.50 21.65
N HIS B 104 -8.57 -9.62 20.83
CA HIS B 104 -8.35 -8.18 20.98
C HIS B 104 -9.62 -7.41 20.62
N ARG B 105 -10.70 -7.66 21.38
CA ARG B 105 -11.97 -6.94 21.21
C ARG B 105 -11.96 -5.56 21.85
N TRP B 106 -10.98 -5.28 22.71
CA TRP B 106 -11.01 -4.05 23.49
C TRP B 106 -10.71 -2.83 22.64
N SER B 107 -9.97 -2.98 21.54
CA SER B 107 -9.59 -1.84 20.70
C SER B 107 -9.79 -2.22 19.25
N GLN B 108 -10.67 -1.49 18.56
CA GLN B 108 -10.93 -1.78 17.15
C GLN B 108 -9.65 -1.72 16.35
N ARG B 109 -8.81 -0.73 16.64
CA ARG B 109 -7.53 -0.61 15.96
C ARG B 109 -6.69 -1.87 16.20
N ALA B 110 -6.70 -2.36 17.44
CA ALA B 110 -5.97 -3.58 17.75
C ALA B 110 -6.54 -4.77 16.98
N MET B 111 -7.85 -5.01 17.09
CA MET B 111 -8.45 -6.11 16.34
C MET B 111 -8.22 -5.92 14.84
N ASP B 112 -8.23 -4.68 14.36
CA ASP B 112 -7.98 -4.44 12.95
C ASP B 112 -6.64 -5.04 12.54
N ASP B 113 -5.61 -4.82 13.37
CA ASP B 113 -4.26 -5.25 13.02
C ASP B 113 -4.15 -6.75 12.80
N THR B 114 -4.95 -7.56 13.49
CA THR B 114 -4.96 -9.00 13.18
C THR B 114 -5.54 -9.30 11.80
N PHE B 115 -6.06 -8.32 11.08
CA PHE B 115 -6.59 -8.65 9.77
C PHE B 115 -5.61 -8.36 8.63
N TYR B 116 -4.38 -7.96 8.95
CA TYR B 116 -3.33 -7.90 7.94
C TYR B 116 -2.96 -9.31 7.50
N LEU B 117 -2.82 -9.51 6.18
CA LEU B 117 -2.49 -10.84 5.67
C LEU B 117 -1.12 -11.31 6.12
N SER B 118 -0.21 -10.40 6.49
CA SER B 118 1.04 -10.84 7.08
C SER B 118 0.85 -11.64 8.36
N ASN B 119 -0.34 -11.60 8.98
CA ASN B 119 -0.66 -12.32 10.19
C ASN B 119 -1.57 -13.53 9.91
N VAL B 120 -1.77 -13.88 8.64
CA VAL B 120 -2.60 -15.02 8.30
C VAL B 120 -1.76 -15.99 7.46
N ALA B 121 -2.25 -17.22 7.37
CA ALA B 121 -1.67 -18.33 6.65
C ALA B 121 -2.81 -19.10 6.01
N PRO B 122 -2.58 -19.77 4.87
CA PRO B 122 -3.65 -20.59 4.28
C PRO B 122 -3.99 -21.75 5.21
N GLN B 123 -5.24 -21.79 5.63
CA GLN B 123 -5.69 -22.81 6.56
C GLN B 123 -6.89 -23.54 5.99
N VAL B 124 -6.85 -24.88 6.04
CA VAL B 124 -7.99 -25.71 5.66
C VAL B 124 -9.22 -25.20 6.42
N PRO B 125 -10.34 -24.97 5.75
CA PRO B 125 -11.48 -24.31 6.42
C PRO B 125 -12.06 -25.13 7.57
N HIS B 126 -12.13 -26.45 7.43
CA HIS B 126 -12.69 -27.23 8.52
C HIS B 126 -11.87 -27.04 9.78
N LEU B 127 -10.56 -26.85 9.62
CA LEU B 127 -9.67 -26.70 10.76
C LEU B 127 -9.75 -25.30 11.37
N ASN B 128 -9.80 -24.28 10.51
CA ASN B 128 -9.95 -22.91 10.96
C ASN B 128 -11.22 -22.73 11.78
N GLN B 129 -12.33 -23.23 11.25
CA GLN B 129 -13.62 -22.97 11.87
C GLN B 129 -13.93 -23.92 13.01
N ASN B 130 -13.13 -24.97 13.24
CA ASN B 130 -13.50 -25.90 14.30
C ASN B 130 -12.38 -26.18 15.30
N ALA B 131 -11.53 -27.17 15.05
CA ALA B 131 -10.54 -27.52 16.06
C ALA B 131 -9.62 -26.35 16.39
N TRP B 132 -9.23 -25.57 15.38
CA TRP B 132 -8.33 -24.46 15.67
C TRP B 132 -9.06 -23.36 16.42
N ASN B 133 -10.33 -23.14 16.09
CA ASN B 133 -11.13 -22.17 16.84
C ASN B 133 -11.28 -22.61 18.29
N ASN B 134 -11.45 -23.92 18.52
CA ASN B 134 -11.52 -24.44 19.89
C ASN B 134 -10.26 -24.12 20.68
N LEU B 135 -9.09 -24.41 20.10
CA LEU B 135 -7.83 -24.13 20.79
C LEU B 135 -7.69 -22.65 21.12
N GLU B 136 -8.15 -21.76 20.23
CA GLU B 136 -8.08 -20.34 20.53
C GLU B 136 -9.04 -19.97 21.65
N ARG B 137 -10.28 -20.47 21.56
CA ARG B 137 -11.24 -20.26 22.64
C ARG B 137 -10.69 -20.74 23.96
N TYR B 138 -10.06 -21.91 23.96
CA TYR B 138 -9.47 -22.44 25.18
C TYR B 138 -8.37 -21.52 25.69
N SER B 139 -7.52 -21.05 24.78
CA SER B 139 -6.42 -20.16 25.17
C SER B 139 -6.94 -18.88 25.81
N ARG B 140 -8.02 -18.33 25.27
CA ARG B 140 -8.64 -17.17 25.88
C ARG B 140 -9.03 -17.48 27.32
N SER B 141 -9.51 -18.72 27.56
CA SER B 141 -10.10 -19.03 28.85
C SER B 141 -9.04 -19.06 29.96
N LEU B 142 -7.79 -19.37 29.62
CA LEU B 142 -6.77 -19.39 30.64
C LEU B 142 -6.41 -17.99 31.15
N THR B 143 -6.90 -16.94 30.49
CA THR B 143 -6.73 -15.58 31.01
C THR B 143 -7.51 -15.35 32.30
N ARG B 144 -8.42 -16.26 32.66
CA ARG B 144 -9.13 -16.24 33.92
C ARG B 144 -8.39 -17.00 35.02
N THR B 145 -7.43 -17.86 34.67
CA THR B 145 -6.78 -18.70 35.67
C THR B 145 -5.26 -18.56 35.75
N TYR B 146 -4.64 -17.74 34.90
CA TYR B 146 -3.21 -17.50 34.99
C TYR B 146 -2.96 -16.00 34.92
N GLN B 147 -1.89 -15.56 35.58
CA GLN B 147 -1.61 -14.13 35.70
C GLN B 147 -1.32 -13.51 34.33
N ASN B 148 -0.62 -14.23 33.47
CA ASN B 148 -0.45 -13.81 32.09
C ASN B 148 -0.61 -15.03 31.21
N VAL B 149 -1.05 -14.81 29.98
CA VAL B 149 -1.05 -15.85 28.97
C VAL B 149 -0.33 -15.30 27.76
N TYR B 150 0.84 -15.84 27.48
CA TYR B 150 1.56 -15.54 26.26
C TYR B 150 1.25 -16.63 25.24
N VAL B 151 1.00 -16.22 24.00
CA VAL B 151 0.66 -17.14 22.92
C VAL B 151 1.60 -16.87 21.75
N CYS B 152 2.23 -17.92 21.26
CA CYS B 152 3.05 -17.83 20.07
C CYS B 152 2.54 -18.84 19.07
N THR B 153 2.15 -18.38 17.88
CA THR B 153 1.49 -19.23 16.90
C THR B 153 2.24 -19.17 15.58
N GLY B 154 2.35 -20.29 14.90
CA GLY B 154 3.06 -20.28 13.65
C GLY B 154 2.81 -21.47 12.74
N PRO B 155 3.32 -21.37 11.53
CA PRO B 155 3.25 -22.49 10.60
C PRO B 155 4.38 -23.48 10.86
N LEU B 156 4.13 -24.71 10.41
CA LEU B 156 5.20 -25.68 10.25
C LEU B 156 5.10 -26.31 8.88
N PHE B 157 6.25 -26.74 8.36
CA PHE B 157 6.32 -27.46 7.10
C PHE B 157 7.14 -28.73 7.40
N LEU B 158 6.42 -29.84 7.65
CA LEU B 158 6.98 -31.06 8.21
C LEU B 158 7.21 -32.09 7.11
N PRO B 159 8.38 -32.71 7.03
CA PRO B 159 8.62 -33.67 5.95
C PRO B 159 7.92 -34.99 6.20
N ARG B 160 7.65 -35.69 5.11
CA ARG B 160 7.08 -37.03 5.13
C ARG B 160 7.99 -37.94 4.33
N THR B 161 8.03 -39.22 4.72
CA THR B 161 8.86 -40.23 4.08
C THR B 161 8.05 -40.94 2.99
N GLU B 162 8.55 -40.93 1.76
CA GLU B 162 7.77 -41.41 0.63
C GLU B 162 8.22 -42.82 0.21
N ALA B 163 7.71 -43.26 -0.95
CA ALA B 163 7.94 -44.62 -1.40
C ALA B 163 9.41 -44.93 -1.60
N ASP B 164 10.21 -43.93 -2.01
CA ASP B 164 11.62 -44.15 -2.35
C ASP B 164 12.50 -44.19 -1.12
N GLY B 165 11.91 -44.34 0.06
CA GLY B 165 12.62 -44.31 1.32
C GLY B 165 13.11 -42.94 1.75
N LYS B 166 12.92 -41.90 0.93
CA LYS B 166 13.44 -40.59 1.22
C LYS B 166 12.40 -39.69 1.90
N SER B 167 12.88 -38.56 2.42
CA SER B 167 12.06 -37.59 3.14
C SER B 167 11.92 -36.32 2.32
N TYR B 168 10.70 -35.81 2.20
CA TYR B 168 10.45 -34.60 1.45
C TYR B 168 9.52 -33.69 2.22
N VAL B 169 9.87 -32.42 2.28
CA VAL B 169 8.91 -31.36 2.50
C VAL B 169 8.17 -31.12 1.19
N LYS B 170 6.85 -31.02 1.26
CA LYS B 170 6.02 -30.80 0.08
C LYS B 170 4.82 -29.98 0.52
N TYR B 171 4.55 -28.87 -0.18
CA TYR B 171 3.45 -28.03 0.23
C TYR B 171 3.00 -27.16 -0.93
N GLN B 172 1.70 -26.89 -0.95
CA GLN B 172 1.10 -26.07 -1.99
C GLN B 172 1.45 -24.60 -1.81
N VAL B 173 1.50 -23.90 -2.94
CA VAL B 173 1.67 -22.46 -2.97
C VAL B 173 0.49 -21.93 -3.76
N ILE B 174 -0.15 -20.89 -3.25
CA ILE B 174 -1.38 -20.46 -3.89
C ILE B 174 -1.23 -19.05 -4.41
N GLY B 175 -1.89 -18.78 -5.53
CA GLY B 175 -1.91 -17.45 -6.10
C GLY B 175 -0.62 -17.10 -6.81
N LYS B 176 -0.68 -16.00 -7.57
CA LYS B 176 0.47 -15.58 -8.36
C LYS B 176 1.66 -15.20 -7.50
N ASN B 177 1.49 -15.01 -6.20
CA ASN B 177 2.64 -14.76 -5.33
C ASN B 177 3.15 -16.03 -4.68
N HIS B 178 2.50 -17.17 -4.90
CA HIS B 178 2.89 -18.45 -4.31
C HIS B 178 3.00 -18.36 -2.80
N VAL B 179 1.87 -18.04 -2.15
CA VAL B 179 1.82 -18.08 -0.70
C VAL B 179 1.88 -19.52 -0.24
N ALA B 180 2.83 -19.84 0.65
CA ALA B 180 3.01 -21.21 1.09
C ALA B 180 1.84 -21.67 1.96
N VAL B 181 1.35 -22.87 1.67
CA VAL B 181 0.31 -23.52 2.48
C VAL B 181 1.02 -24.41 3.51
N PRO B 182 1.02 -24.05 4.79
CA PRO B 182 1.74 -24.87 5.79
C PRO B 182 1.18 -26.29 5.87
N THR B 183 2.00 -27.20 6.41
CA THR B 183 1.51 -28.55 6.61
C THR B 183 0.90 -28.73 7.98
N HIS B 184 1.34 -27.94 8.95
CA HIS B 184 0.86 -28.03 10.33
C HIS B 184 0.84 -26.62 10.91
N PHE B 185 0.26 -26.50 12.11
CA PHE B 185 0.27 -25.25 12.85
C PHE B 185 0.65 -25.50 14.28
N PHE B 186 1.41 -24.59 14.87
CA PHE B 186 1.78 -24.76 16.25
C PHE B 186 1.26 -23.59 17.07
N LYS B 187 0.91 -23.86 18.32
CA LYS B 187 0.61 -22.81 19.27
C LYS B 187 1.34 -23.16 20.56
N VAL B 188 1.98 -22.16 21.14
CA VAL B 188 2.74 -22.33 22.37
C VAL B 188 2.19 -21.36 23.38
N LEU B 189 1.71 -21.90 24.50
CA LEU B 189 1.16 -21.09 25.56
C LEU B 189 2.18 -20.99 26.68
N ILE B 190 2.56 -19.77 27.00
CA ILE B 190 3.48 -19.49 28.09
C ILE B 190 2.62 -18.86 29.17
N LEU B 191 2.29 -19.65 30.18
CA LEU B 191 1.32 -19.30 31.22
C LEU B 191 2.02 -18.90 32.51
N GLU B 192 1.63 -17.77 33.07
CA GLU B 192 2.25 -17.23 34.27
C GLU B 192 1.40 -17.57 35.48
N ALA B 193 1.98 -18.35 36.40
CA ALA B 193 1.31 -18.78 37.61
C ALA B 193 1.59 -17.80 38.75
N ALA B 194 1.12 -18.16 39.94
CA ALA B 194 1.14 -17.29 41.11
C ALA B 194 2.54 -16.75 41.37
N GLY B 195 3.43 -17.59 41.89
CA GLY B 195 4.78 -17.13 42.20
C GLY B 195 5.65 -17.02 40.97
N GLY B 196 5.07 -16.58 39.85
CA GLY B 196 5.82 -16.39 38.63
C GLY B 196 6.40 -17.65 38.01
N GLN B 197 6.03 -18.84 38.48
CA GLN B 197 6.45 -20.05 37.79
C GLN B 197 5.71 -20.17 36.46
N ILE B 198 6.29 -20.93 35.54
CA ILE B 198 5.94 -20.88 34.13
C ILE B 198 5.50 -22.26 33.70
N GLU B 199 4.28 -22.35 33.19
CA GLU B 199 3.72 -23.57 32.64
C GLU B 199 3.61 -23.38 31.14
N LEU B 200 4.20 -24.30 30.39
CA LEU B 200 4.28 -24.21 28.94
C LEU B 200 3.47 -25.34 28.33
N ARG B 201 2.60 -24.99 27.37
CA ARG B 201 1.77 -25.94 26.65
C ARG B 201 1.98 -25.74 25.16
N SER B 202 2.40 -26.79 24.47
CA SER B 202 2.73 -26.74 23.05
CA SER B 202 2.73 -26.74 23.05
C SER B 202 1.77 -27.65 22.31
N TYR B 203 1.03 -27.08 21.38
CA TYR B 203 0.10 -27.85 20.58
C TYR B 203 0.52 -27.80 19.11
N VAL B 204 0.26 -28.87 18.39
CA VAL B 204 0.45 -28.93 16.95
C VAL B 204 -0.79 -29.57 16.35
N MET B 205 -1.33 -28.97 15.29
CA MET B 205 -2.43 -29.60 14.56
C MET B 205 -2.11 -29.66 13.06
N PRO B 206 -2.52 -30.73 12.38
CA PRO B 206 -2.29 -30.80 10.93
C PRO B 206 -3.15 -29.77 10.19
N ASN B 207 -2.61 -29.26 9.09
CA ASN B 207 -3.37 -28.34 8.23
C ASN B 207 -4.30 -29.21 7.37
N ALA B 208 -5.42 -29.59 7.99
CA ALA B 208 -6.36 -30.59 7.47
C ALA B 208 -7.58 -30.66 8.38
N PRO B 209 -8.68 -31.27 7.91
CA PRO B 209 -9.84 -31.46 8.81
C PRO B 209 -9.47 -32.23 10.06
N VAL B 210 -9.49 -31.56 11.21
CA VAL B 210 -9.20 -32.18 12.49
C VAL B 210 -10.51 -32.45 13.19
N ASP B 211 -10.71 -33.70 13.62
CA ASP B 211 -11.91 -34.09 14.34
C ASP B 211 -12.04 -33.24 15.61
N GLU B 212 -13.09 -32.45 15.69
CA GLU B 212 -13.22 -31.54 16.81
C GLU B 212 -13.77 -32.22 18.05
N THR B 213 -14.16 -33.50 17.94
CA THR B 213 -14.40 -34.29 19.14
C THR B 213 -13.14 -34.38 19.99
N ILE B 214 -11.99 -34.55 19.36
CA ILE B 214 -10.79 -34.98 20.07
C ILE B 214 -10.42 -33.94 21.13
N PRO B 215 -10.12 -34.35 22.36
CA PRO B 215 -9.68 -33.39 23.37
C PRO B 215 -8.42 -32.64 22.91
N LEU B 216 -8.24 -31.46 23.48
CA LEU B 216 -7.17 -30.60 23.00
C LEU B 216 -5.82 -31.11 23.43
N GLU B 217 -5.74 -31.75 24.59
CA GLU B 217 -4.44 -32.23 25.05
C GLU B 217 -3.94 -33.40 24.21
N ARG B 218 -4.76 -34.01 23.37
CA ARG B 218 -4.24 -35.00 22.43
C ARG B 218 -3.45 -34.37 21.30
N PHE B 219 -3.48 -33.04 21.18
CA PHE B 219 -2.62 -32.34 20.23
C PHE B 219 -1.43 -31.70 20.91
N LEU B 220 -1.20 -32.00 22.20
CA LEU B 220 0.03 -31.59 22.86
C LEU B 220 1.20 -32.31 22.23
N VAL B 221 2.37 -31.67 22.27
CA VAL B 221 3.64 -32.24 21.84
C VAL B 221 4.73 -31.66 22.73
N PRO B 222 5.88 -32.33 22.88
CA PRO B 222 6.98 -31.69 23.61
C PRO B 222 7.46 -30.45 22.87
N ILE B 223 7.76 -29.39 23.64
CA ILE B 223 8.24 -28.15 23.06
C ILE B 223 9.47 -28.38 22.19
N GLU B 224 10.32 -29.36 22.56
CA GLU B 224 11.52 -29.62 21.78
C GLU B 224 11.20 -29.86 20.31
N SER B 225 10.10 -30.57 20.06
CA SER B 225 9.77 -30.96 18.69
C SER B 225 9.41 -29.75 17.84
N ILE B 226 8.73 -28.76 18.44
CA ILE B 226 8.39 -27.53 17.73
C ILE B 226 9.64 -26.70 17.48
N GLU B 227 10.49 -26.56 18.49
CA GLU B 227 11.75 -25.86 18.31
C GLU B 227 12.54 -26.47 17.16
N ARG B 228 12.66 -27.81 17.16
CA ARG B 228 13.42 -28.49 16.12
C ARG B 228 12.82 -28.25 14.74
N ALA B 229 11.51 -28.46 14.59
CA ALA B 229 10.91 -28.39 13.26
C ALA B 229 10.76 -26.97 12.79
N SER B 230 10.61 -26.01 13.71
CA SER B 230 10.33 -24.64 13.30
C SER B 230 11.59 -23.81 13.10
N GLY B 231 12.68 -24.16 13.77
CA GLY B 231 13.84 -23.29 13.79
C GLY B 231 13.79 -22.20 14.84
N LEU B 232 12.82 -22.26 15.76
CA LEU B 232 12.66 -21.25 16.79
C LEU B 232 13.09 -21.81 18.12
N LEU B 233 13.36 -20.93 19.08
CA LEU B 233 13.78 -21.33 20.41
C LEU B 233 12.92 -20.66 21.46
N PHE B 234 12.39 -21.46 22.38
CA PHE B 234 11.55 -20.96 23.45
C PHE B 234 12.16 -21.20 24.83
N VAL B 235 12.61 -22.43 25.10
CA VAL B 235 13.07 -22.76 26.44
C VAL B 235 14.30 -21.94 26.86
N PRO B 236 15.32 -21.77 26.02
CA PRO B 236 16.41 -20.85 26.40
C PRO B 236 15.91 -19.47 26.77
N ASN B 237 14.91 -18.96 26.05
CA ASN B 237 14.36 -17.63 26.32
C ASN B 237 13.73 -17.54 27.71
N ILE B 238 12.89 -18.51 28.08
CA ILE B 238 12.12 -18.43 29.32
C ILE B 238 13.02 -18.67 30.53
N LEU B 239 13.89 -19.69 30.47
CA LEU B 239 14.81 -19.95 31.57
C LEU B 239 15.73 -18.77 31.84
N ALA B 240 15.93 -17.88 30.85
CA ALA B 240 16.65 -16.64 31.08
C ALA B 240 15.88 -15.75 32.06
N ARG B 241 14.69 -15.30 31.66
CA ARG B 241 13.80 -14.50 32.50
C ARG B 241 13.56 -15.22 33.85
N ALA B 242 12.84 -16.35 33.84
CA ALA B 242 12.54 -17.09 35.07
C ALA B 242 12.44 -18.57 34.76
N GLY B 243 13.27 -19.39 35.39
CA GLY B 243 13.37 -20.79 34.99
C GLY B 243 12.38 -21.76 35.58
N ASN B 244 11.39 -22.24 34.80
CA ASN B 244 10.40 -23.19 35.27
C ASN B 244 9.89 -24.10 34.15
N LEU B 245 9.27 -25.21 34.56
CA LEU B 245 8.79 -26.25 33.65
C LEU B 245 7.25 -26.32 33.64
N GLU C 19 2.23 24.80 13.62
CA GLU C 19 1.58 23.78 14.44
C GLU C 19 0.08 23.71 14.13
N LEU C 20 -0.41 24.66 13.32
CA LEU C 20 -1.76 24.57 12.76
C LEU C 20 -1.94 23.34 11.87
N ALA C 21 -0.90 22.50 11.70
CA ALA C 21 -0.93 21.25 10.93
C ALA C 21 -0.37 20.08 11.74
N LYS C 22 -0.61 20.09 13.06
CA LYS C 22 -0.09 19.04 13.94
C LYS C 22 -0.56 17.66 13.49
N TYR C 23 -1.82 17.57 13.09
CA TYR C 23 -2.43 16.31 12.64
C TYR C 23 -2.50 16.25 11.13
N GLY C 24 -1.44 16.73 10.48
CA GLY C 24 -1.35 16.84 9.04
C GLY C 24 -2.47 17.70 8.49
N LEU C 25 -2.59 17.64 7.18
CA LEU C 25 -3.65 18.33 6.47
C LEU C 25 -4.60 17.31 5.87
N PRO C 26 -5.93 17.54 5.96
CA PRO C 26 -6.91 16.53 5.50
C PRO C 26 -6.72 15.94 4.11
N GLY C 27 -5.47 15.85 3.63
CA GLY C 27 -5.19 15.34 2.31
C GLY C 27 -5.41 16.42 1.28
N VAL C 28 -4.57 16.46 0.24
CA VAL C 28 -4.76 17.43 -0.84
C VAL C 28 -4.52 16.72 -2.16
N ALA C 29 -4.29 17.50 -3.24
CA ALA C 29 -4.30 17.05 -4.64
C ALA C 29 -3.52 15.77 -4.90
N GLN C 30 -4.22 14.68 -5.21
CA GLN C 30 -3.59 13.37 -5.36
C GLN C 30 -3.13 13.22 -6.81
N LEU C 31 -1.84 13.45 -7.04
CA LEU C 31 -1.20 13.16 -8.32
C LEU C 31 -0.72 11.71 -8.36
N ARG C 32 -0.94 11.06 -9.50
CA ARG C 32 -0.45 9.71 -9.74
C ARG C 32 0.39 9.70 -11.02
N SER C 33 1.56 9.09 -10.95
CA SER C 33 2.43 8.93 -12.10
C SER C 33 2.39 7.49 -12.57
N ARG C 34 1.77 7.27 -13.72
CA ARG C 34 1.79 5.95 -14.34
C ARG C 34 2.77 5.94 -15.51
N GLU C 35 3.12 4.73 -15.94
CA GLU C 35 4.05 4.61 -17.04
C GLU C 35 3.58 5.41 -18.27
N SER C 36 2.27 5.62 -18.43
CA SER C 36 1.72 6.19 -19.65
C SER C 36 0.95 7.49 -19.46
N TYR C 37 0.84 8.00 -18.25
CA TYR C 37 0.14 9.26 -18.06
C TYR C 37 0.39 9.72 -16.64
N VAL C 38 0.13 11.00 -16.37
CA VAL C 38 0.02 11.51 -15.03
CA VAL C 38 0.02 11.49 -15.01
C VAL C 38 -1.44 11.87 -14.80
N LEU C 39 -1.85 11.89 -13.54
CA LEU C 39 -3.26 12.06 -13.28
C LEU C 39 -3.46 12.83 -11.97
N SER C 40 -4.46 13.69 -11.95
CA SER C 40 -4.94 14.31 -10.72
C SER C 40 -6.29 13.71 -10.36
N TYR C 41 -6.33 13.00 -9.23
CA TYR C 41 -7.53 12.30 -8.77
C TYR C 41 -8.39 13.22 -7.92
N ASP C 42 -9.70 13.10 -8.08
CA ASP C 42 -10.68 13.81 -7.25
C ASP C 42 -11.38 12.79 -6.35
N PRO C 43 -11.02 12.68 -5.06
CA PRO C 43 -11.70 11.67 -4.21
C PRO C 43 -13.15 12.00 -3.96
N ARG C 44 -13.55 13.25 -4.13
CA ARG C 44 -14.93 13.65 -3.92
C ARG C 44 -15.85 13.03 -4.97
N THR C 45 -15.42 13.02 -6.23
CA THR C 45 -16.18 12.43 -7.33
C THR C 45 -15.76 11.00 -7.64
N ARG C 46 -14.64 10.54 -7.10
CA ARG C 46 -14.13 9.21 -7.40
C ARG C 46 -13.76 9.11 -8.88
N GLY C 47 -13.25 10.21 -9.42
CA GLY C 47 -12.74 10.24 -10.78
C GLY C 47 -11.55 11.17 -10.88
N ALA C 48 -10.86 11.08 -12.02
CA ALA C 48 -9.76 11.99 -12.27
C ALA C 48 -10.27 13.38 -12.62
N LEU C 49 -9.60 14.40 -12.09
CA LEU C 49 -9.83 15.78 -12.53
CA LEU C 49 -9.84 15.77 -12.54
C LEU C 49 -9.27 15.98 -13.94
N TRP C 50 -8.08 15.45 -14.20
CA TRP C 50 -7.50 15.45 -15.53
C TRP C 50 -6.47 14.33 -15.61
N VAL C 51 -6.17 13.92 -16.84
CA VAL C 51 -5.08 12.99 -17.14
CA VAL C 51 -5.06 13.01 -17.12
C VAL C 51 -4.24 13.59 -18.27
N LEU C 52 -2.92 13.47 -18.18
CA LEU C 52 -2.02 14.08 -19.14
C LEU C 52 -1.14 13.01 -19.79
N GLU C 53 -1.26 12.87 -21.11
CA GLU C 53 -0.39 11.99 -21.88
C GLU C 53 0.53 12.82 -22.76
N GLN C 54 1.68 12.25 -23.10
CA GLN C 54 2.58 12.83 -24.09
C GLN C 54 2.69 11.84 -25.24
N LEU C 55 1.99 12.12 -26.35
CA LEU C 55 1.90 11.19 -27.48
C LEU C 55 3.03 11.41 -28.48
N ARG C 56 3.71 10.33 -28.86
CA ARG C 56 4.69 10.31 -29.94
C ARG C 56 4.45 9.11 -30.84
N PRO C 57 4.97 9.13 -32.08
CA PRO C 57 4.63 8.06 -33.02
C PRO C 57 5.11 6.69 -32.57
N GLU C 58 6.28 6.59 -31.91
CA GLU C 58 6.79 5.27 -31.54
C GLU C 58 6.05 4.67 -30.36
N ARG C 59 5.56 5.50 -29.42
CA ARG C 59 4.73 5.01 -28.33
C ARG C 59 3.37 4.48 -28.81
N LEU C 60 3.05 4.66 -30.10
CA LEU C 60 1.77 4.27 -30.67
C LEU C 60 1.79 2.90 -31.32
N ARG C 61 2.95 2.27 -31.44
CA ARG C 61 3.02 0.98 -32.11
C ARG C 61 3.46 -0.09 -31.11
N GLY C 62 3.10 -1.33 -31.39
CA GLY C 62 3.66 -2.40 -30.59
C GLY C 62 2.65 -3.47 -30.30
N ASP C 63 3.06 -4.39 -29.42
CA ASP C 63 2.30 -5.59 -29.11
C ASP C 63 1.23 -5.36 -28.06
N GLY C 64 1.29 -4.27 -27.32
CA GLY C 64 0.37 -4.02 -26.23
C GLY C 64 -1.06 -4.36 -26.59
N ASP C 65 -1.70 -5.21 -25.79
CA ASP C 65 -3.12 -5.47 -25.97
C ASP C 65 -3.76 -5.83 -24.64
N ARG C 66 -5.08 -5.68 -24.58
CA ARG C 66 -5.83 -6.02 -23.38
C ARG C 66 -7.31 -6.12 -23.73
N SER C 67 -7.99 -7.01 -23.04
CA SER C 67 -9.42 -7.15 -23.23
C SER C 67 -10.12 -5.83 -22.96
N ALA C 68 -11.11 -5.53 -23.78
CA ALA C 68 -11.75 -4.22 -23.66
C ALA C 68 -12.34 -4.00 -22.28
N CYS C 69 -12.74 -5.07 -21.58
CA CYS C 69 -13.49 -4.93 -20.34
C CYS C 69 -12.65 -5.21 -19.10
N ASP C 70 -11.34 -5.25 -19.24
CA ASP C 70 -10.45 -5.72 -18.19
C ASP C 70 -9.94 -4.55 -17.36
N PHE C 71 -10.84 -3.89 -16.67
CA PHE C 71 -10.44 -2.80 -15.79
C PHE C 71 -10.24 -3.32 -14.37
N ARG C 72 -9.23 -2.79 -13.68
CA ARG C 72 -9.05 -3.14 -12.29
C ARG C 72 -9.03 -1.87 -11.43
N GLU C 73 -9.50 -1.99 -10.19
CA GLU C 73 -9.62 -0.85 -9.30
C GLU C 73 -8.23 -0.41 -8.80
N ASP C 74 -8.15 0.85 -8.39
CA ASP C 74 -6.87 1.46 -8.02
C ASP C 74 -6.71 1.34 -6.51
N ASP C 75 -5.95 0.35 -6.06
CA ASP C 75 -5.79 0.19 -4.62
C ASP C 75 -4.90 1.27 -4.02
N SER C 76 -4.26 2.12 -4.84
CA SER C 76 -3.54 3.27 -4.33
C SER C 76 -4.49 4.40 -3.94
N VAL C 77 -5.75 4.30 -4.31
CA VAL C 77 -6.81 5.20 -3.84
C VAL C 77 -7.46 4.56 -2.62
N HIS C 78 -7.66 5.34 -1.57
CA HIS C 78 -8.35 4.85 -0.40
C HIS C 78 -9.72 4.29 -0.75
N ALA C 79 -10.11 3.22 -0.05
CA ALA C 79 -11.35 2.53 -0.37
C ALA C 79 -12.57 3.45 -0.24
N TYR C 80 -12.53 4.39 0.71
CA TYR C 80 -13.63 5.34 0.84
C TYR C 80 -13.92 6.08 -0.46
N HIS C 81 -12.90 6.28 -1.30
CA HIS C 81 -13.01 7.17 -2.45
C HIS C 81 -12.63 6.47 -3.75
N ARG C 82 -12.67 5.15 -3.79
CA ARG C 82 -12.13 4.37 -4.90
C ARG C 82 -13.26 3.76 -5.71
N ALA C 83 -13.29 4.04 -7.00
CA ALA C 83 -14.28 3.40 -7.83
C ALA C 83 -13.92 1.93 -8.02
N THR C 84 -14.95 1.11 -8.14
CA THR C 84 -14.82 -0.32 -8.30
C THR C 84 -15.65 -0.76 -9.50
N ASN C 85 -15.31 -1.94 -10.03
CA ASN C 85 -16.09 -2.48 -11.14
C ASN C 85 -17.56 -2.61 -10.79
N ALA C 86 -17.86 -3.01 -9.54
CA ALA C 86 -19.25 -3.22 -9.16
C ALA C 86 -20.05 -1.93 -9.28
N ASP C 87 -19.41 -0.79 -9.05
CA ASP C 87 -20.08 0.50 -9.22
C ASP C 87 -20.61 0.66 -10.63
N TYR C 88 -19.90 0.10 -11.62
CA TYR C 88 -20.29 0.20 -13.03
C TYR C 88 -21.35 -0.83 -13.43
N ARG C 89 -21.49 -1.90 -12.66
CA ARG C 89 -22.34 -3.01 -13.06
C ARG C 89 -23.78 -2.57 -13.18
N GLY C 90 -24.40 -2.88 -14.32
CA GLY C 90 -25.80 -2.56 -14.53
C GLY C 90 -26.12 -1.10 -14.59
N SER C 91 -25.12 -0.22 -14.65
CA SER C 91 -25.43 1.20 -14.69
C SER C 91 -25.81 1.68 -16.09
N GLY C 92 -25.48 0.92 -17.13
CA GLY C 92 -25.64 1.39 -18.49
C GLY C 92 -24.53 2.28 -19.02
N PHE C 93 -23.44 2.47 -18.26
CA PHE C 93 -22.33 3.34 -18.66
C PHE C 93 -21.09 2.51 -18.92
N ASP C 94 -20.38 2.82 -19.98
CA ASP C 94 -19.08 2.21 -20.18
C ASP C 94 -18.08 2.77 -19.19
N ARG C 95 -16.99 2.01 -19.00
CA ARG C 95 -15.78 2.52 -18.34
C ARG C 95 -14.96 3.26 -19.39
N GLY C 96 -15.27 4.54 -19.60
CA GLY C 96 -14.53 5.31 -20.57
C GLY C 96 -13.13 5.64 -20.09
N ALA C 97 -12.10 5.10 -20.75
CA ALA C 97 -10.74 5.49 -20.41
C ALA C 97 -10.45 6.90 -20.91
N LEU C 98 -9.74 7.68 -20.09
CA LEU C 98 -9.40 9.04 -20.46
C LEU C 98 -8.09 9.08 -21.23
N ALA C 99 -7.03 8.54 -20.63
CA ALA C 99 -5.83 8.20 -21.40
C ALA C 99 -6.15 6.90 -22.14
N ALA C 100 -6.24 6.94 -23.46
CA ALA C 100 -6.81 5.83 -24.20
C ALA C 100 -5.79 4.73 -24.38
N ALA C 101 -6.26 3.48 -24.30
CA ALA C 101 -5.35 2.34 -24.32
C ALA C 101 -4.53 2.27 -25.61
N ALA C 102 -5.16 2.53 -26.76
CA ALA C 102 -4.47 2.50 -28.05
C ALA C 102 -3.39 3.57 -28.16
N ASN C 103 -3.36 4.55 -27.27
CA ASN C 103 -2.27 5.52 -27.28
C ASN C 103 -0.99 4.92 -26.75
N HIS C 104 -1.00 3.71 -26.22
CA HIS C 104 0.14 3.23 -25.45
C HIS C 104 0.47 1.79 -25.79
N ARG C 105 0.44 1.43 -27.07
CA ARG C 105 0.69 0.04 -27.44
C ARG C 105 2.14 -0.36 -27.23
N TRP C 106 3.04 0.62 -27.13
CA TRP C 106 4.49 0.37 -27.09
C TRP C 106 4.96 -0.46 -25.91
N SER C 107 4.18 -0.53 -24.82
CA SER C 107 4.59 -1.22 -23.61
C SER C 107 3.34 -1.78 -22.94
N GLN C 108 3.38 -3.07 -22.62
CA GLN C 108 2.22 -3.71 -21.99
C GLN C 108 1.93 -3.06 -20.65
N ARG C 109 2.96 -2.78 -19.85
CA ARG C 109 2.76 -2.06 -18.60
C ARG C 109 2.09 -0.71 -18.86
N ALA C 110 2.56 0.02 -19.88
CA ALA C 110 2.03 1.35 -20.12
C ALA C 110 0.58 1.31 -20.55
N MET C 111 0.20 0.27 -21.30
CA MET C 111 -1.19 0.17 -21.68
C MET C 111 -2.02 -0.37 -20.53
N ASP C 112 -1.48 -1.32 -19.77
CA ASP C 112 -2.13 -1.81 -18.56
C ASP C 112 -2.53 -0.67 -17.64
N ASP C 113 -1.64 0.31 -17.46
CA ASP C 113 -1.90 1.39 -16.52
C ASP C 113 -3.15 2.18 -16.92
N THR C 114 -3.47 2.25 -18.22
CA THR C 114 -4.70 2.94 -18.63
C THR C 114 -5.98 2.23 -18.17
N PHE C 115 -5.87 1.01 -17.65
CA PHE C 115 -7.06 0.26 -17.25
C PHE C 115 -7.34 0.34 -15.77
N TYR C 116 -6.54 1.09 -15.02
CA TYR C 116 -6.93 1.48 -13.66
C TYR C 116 -8.21 2.31 -13.71
N LEU C 117 -9.14 2.03 -12.79
CA LEU C 117 -10.40 2.77 -12.81
C LEU C 117 -10.19 4.25 -12.54
N SER C 118 -9.07 4.63 -11.89
CA SER C 118 -8.81 6.04 -11.66
C SER C 118 -8.60 6.81 -12.96
N ASN C 119 -8.33 6.12 -14.07
CA ASN C 119 -8.21 6.72 -15.40
C ASN C 119 -9.50 6.55 -16.21
N VAL C 120 -10.59 6.15 -15.56
CA VAL C 120 -11.85 6.02 -16.28
C VAL C 120 -12.90 6.88 -15.59
N ALA C 121 -13.98 7.14 -16.33
CA ALA C 121 -15.16 7.89 -15.92
C ALA C 121 -16.38 7.22 -16.56
N PRO C 122 -17.56 7.32 -15.94
CA PRO C 122 -18.77 6.72 -16.54
C PRO C 122 -19.13 7.49 -17.80
N GLN C 123 -19.22 6.78 -18.91
CA GLN C 123 -19.36 7.38 -20.21
C GLN C 123 -20.48 6.67 -20.94
N VAL C 124 -21.40 7.45 -21.52
CA VAL C 124 -22.50 6.87 -22.29
C VAL C 124 -21.92 6.06 -23.43
N PRO C 125 -22.37 4.81 -23.65
CA PRO C 125 -21.61 3.90 -24.52
C PRO C 125 -21.53 4.35 -25.96
N HIS C 126 -22.61 4.88 -26.52
CA HIS C 126 -22.55 5.35 -27.90
C HIS C 126 -21.48 6.40 -28.08
N LEU C 127 -21.20 7.22 -27.06
CA LEU C 127 -20.13 8.19 -27.16
C LEU C 127 -18.75 7.53 -27.08
N ASN C 128 -18.60 6.54 -26.22
CA ASN C 128 -17.31 5.90 -26.02
C ASN C 128 -16.85 5.15 -27.26
N GLN C 129 -17.80 4.58 -27.99
CA GLN C 129 -17.55 3.75 -29.18
C GLN C 129 -17.34 4.56 -30.44
N ASN C 130 -17.99 5.73 -30.55
CA ASN C 130 -18.10 6.43 -31.83
C ASN C 130 -17.36 7.75 -31.75
N ALA C 131 -18.03 8.88 -31.50
CA ALA C 131 -17.38 10.19 -31.62
C ALA C 131 -16.17 10.32 -30.69
N TRP C 132 -16.30 9.88 -29.43
CA TRP C 132 -15.16 10.05 -28.52
C TRP C 132 -13.98 9.23 -28.98
N ASN C 133 -14.28 8.03 -29.50
CA ASN C 133 -13.25 7.21 -30.14
C ASN C 133 -12.65 7.92 -31.35
N ASN C 134 -13.51 8.47 -32.22
CA ASN C 134 -13.04 9.24 -33.36
C ASN C 134 -12.06 10.33 -32.95
N LEU C 135 -12.38 11.04 -31.86
CA LEU C 135 -11.51 12.09 -31.38
C LEU C 135 -10.15 11.54 -30.98
N GLU C 136 -10.12 10.36 -30.37
CA GLU C 136 -8.86 9.74 -30.01
C GLU C 136 -8.05 9.34 -31.24
N ARG C 137 -8.71 8.76 -32.25
CA ARG C 137 -8.04 8.44 -33.52
C ARG C 137 -7.40 9.69 -34.11
N TYR C 138 -8.17 10.76 -34.17
CA TYR C 138 -7.66 12.04 -34.66
C TYR C 138 -6.41 12.44 -33.90
N SER C 139 -6.46 12.35 -32.57
CA SER C 139 -5.33 12.79 -31.75
C SER C 139 -4.07 12.05 -32.12
N ARG C 140 -4.17 10.71 -32.26
CA ARG C 140 -3.01 9.92 -32.62
C ARG C 140 -2.49 10.30 -34.02
N SER C 141 -3.39 10.66 -34.94
CA SER C 141 -2.94 11.00 -36.29
C SER C 141 -2.06 12.25 -36.28
N LEU C 142 -2.36 13.23 -35.43
CA LEU C 142 -1.56 14.46 -35.38
C LEU C 142 -0.11 14.21 -34.97
N THR C 143 0.27 12.99 -34.55
CA THR C 143 1.67 12.71 -34.21
C THR C 143 2.56 12.51 -35.45
N ARG C 144 1.97 12.34 -36.63
CA ARG C 144 2.73 12.32 -37.89
C ARG C 144 3.20 13.71 -38.29
N THR C 145 2.55 14.74 -37.79
CA THR C 145 2.92 16.12 -38.09
C THR C 145 3.61 16.84 -36.93
N TYR C 146 3.35 16.43 -35.68
CA TYR C 146 3.84 17.16 -34.51
C TYR C 146 4.81 16.29 -33.72
N GLN C 147 5.88 16.93 -33.23
CA GLN C 147 6.93 16.22 -32.51
C GLN C 147 6.41 15.64 -31.20
N ASN C 148 5.51 16.36 -30.54
CA ASN C 148 4.83 15.90 -29.34
C ASN C 148 3.38 16.34 -29.40
N VAL C 149 2.48 15.41 -29.16
CA VAL C 149 1.07 15.72 -28.97
C VAL C 149 0.76 15.44 -27.51
N TYR C 150 0.76 16.49 -26.70
CA TYR C 150 0.27 16.37 -25.33
C TYR C 150 -1.26 16.35 -25.35
N VAL C 151 -1.83 15.43 -24.59
CA VAL C 151 -3.27 15.23 -24.51
C VAL C 151 -3.66 15.33 -23.04
N CYS C 152 -4.55 16.27 -22.73
CA CYS C 152 -5.06 16.41 -21.38
C CYS C 152 -6.55 16.18 -21.44
N THR C 153 -7.00 15.11 -20.78
CA THR C 153 -8.40 14.70 -20.84
C THR C 153 -9.04 14.66 -19.46
N GLY C 154 -10.31 15.03 -19.41
CA GLY C 154 -10.98 15.06 -18.14
C GLY C 154 -12.47 15.31 -18.24
N PRO C 155 -13.15 15.16 -17.11
CA PRO C 155 -14.59 15.38 -17.07
C PRO C 155 -14.95 16.84 -16.84
N LEU C 156 -16.13 17.20 -17.31
CA LEU C 156 -16.75 18.46 -16.93
C LEU C 156 -18.10 18.16 -16.30
N PHE C 157 -18.55 19.09 -15.46
CA PHE C 157 -19.88 19.03 -14.87
C PHE C 157 -20.51 20.38 -15.14
N LEU C 158 -21.28 20.48 -16.20
CA LEU C 158 -21.67 21.84 -16.54
C LEU C 158 -23.11 22.12 -16.09
N PRO C 159 -23.34 23.34 -15.61
CA PRO C 159 -24.66 23.70 -15.10
C PRO C 159 -25.67 23.86 -16.21
N ARG C 160 -26.95 23.89 -15.81
CA ARG C 160 -28.06 24.13 -16.72
C ARG C 160 -29.07 25.01 -16.01
N THR C 161 -29.75 25.86 -16.77
CA THR C 161 -30.81 26.68 -16.21
C THR C 161 -32.15 25.95 -16.28
N GLU C 162 -32.88 25.97 -15.18
CA GLU C 162 -34.13 25.24 -15.12
C GLU C 162 -35.28 26.23 -15.18
N ALA C 163 -36.49 25.71 -14.98
CA ALA C 163 -37.70 26.51 -15.15
C ALA C 163 -37.72 27.72 -14.24
N ASP C 164 -37.10 27.61 -13.07
CA ASP C 164 -37.12 28.67 -12.07
C ASP C 164 -36.08 29.77 -12.33
N GLY C 165 -35.50 29.85 -13.53
CA GLY C 165 -34.45 30.83 -13.77
C GLY C 165 -33.12 30.57 -13.07
N LYS C 166 -32.99 29.50 -12.29
CA LYS C 166 -31.76 29.21 -11.57
C LYS C 166 -30.87 28.19 -12.30
N SER C 167 -29.58 28.24 -12.00
CA SER C 167 -28.58 27.37 -12.61
C SER C 167 -28.18 26.25 -11.66
N TYR C 168 -28.17 25.04 -12.18
CA TYR C 168 -27.90 23.89 -11.35
C TYR C 168 -26.91 22.98 -12.03
N VAL C 169 -26.04 22.39 -11.24
CA VAL C 169 -25.20 21.28 -11.65
C VAL C 169 -25.93 20.01 -11.25
N LYS C 170 -26.24 19.16 -12.22
CA LYS C 170 -26.92 17.90 -11.89
C LYS C 170 -26.21 16.77 -12.60
N TYR C 171 -25.75 15.79 -11.84
CA TYR C 171 -25.17 14.60 -12.43
C TYR C 171 -25.52 13.39 -11.58
N GLN C 172 -25.71 12.28 -12.26
CA GLN C 172 -25.93 11.01 -11.60
C GLN C 172 -24.65 10.54 -10.94
N VAL C 173 -24.78 9.83 -9.84
CA VAL C 173 -23.70 9.05 -9.29
C VAL C 173 -24.13 7.59 -9.31
N ILE C 174 -23.20 6.70 -9.67
CA ILE C 174 -23.50 5.28 -9.91
C ILE C 174 -22.78 4.44 -8.85
N GLY C 175 -23.42 3.32 -8.49
CA GLY C 175 -22.81 2.33 -7.62
C GLY C 175 -22.87 2.67 -6.13
N LYS C 176 -22.47 1.68 -5.33
CA LYS C 176 -22.40 1.92 -3.89
C LYS C 176 -21.56 3.17 -3.58
N ASN C 177 -20.45 3.36 -4.29
CA ASN C 177 -19.47 4.40 -3.96
C ASN C 177 -19.76 5.75 -4.61
N HIS C 178 -20.91 5.91 -5.27
CA HIS C 178 -21.35 7.15 -5.89
C HIS C 178 -20.25 7.73 -6.80
N VAL C 179 -20.00 7.00 -7.88
CA VAL C 179 -19.02 7.43 -8.87
C VAL C 179 -19.70 8.47 -9.75
N ALA C 180 -19.12 9.66 -9.81
CA ALA C 180 -19.81 10.75 -10.50
C ALA C 180 -19.85 10.50 -11.99
N VAL C 181 -21.00 10.77 -12.60
CA VAL C 181 -21.20 10.65 -14.05
C VAL C 181 -21.07 12.03 -14.67
N PRO C 182 -19.93 12.35 -15.29
CA PRO C 182 -19.73 13.67 -15.90
C PRO C 182 -20.85 14.04 -16.87
N THR C 183 -21.12 15.34 -16.97
CA THR C 183 -22.09 15.82 -17.95
C THR C 183 -21.46 15.99 -19.32
N HIS C 184 -20.14 16.17 -19.38
CA HIS C 184 -19.39 16.36 -20.63
C HIS C 184 -17.96 15.91 -20.40
N PHE C 185 -17.21 15.77 -21.50
CA PHE C 185 -15.78 15.51 -21.45
C PHE C 185 -15.04 16.59 -22.23
N PHE C 186 -13.89 17.01 -21.73
CA PHE C 186 -13.03 17.89 -22.50
C PHE C 186 -11.79 17.13 -22.94
N LYS C 187 -11.21 17.59 -24.05
CA LYS C 187 -9.90 17.14 -24.48
C LYS C 187 -9.13 18.33 -25.03
N VAL C 188 -7.94 18.55 -24.49
CA VAL C 188 -7.07 19.63 -24.90
C VAL C 188 -5.86 19.01 -25.55
N LEU C 189 -5.61 19.41 -26.79
CA LEU C 189 -4.43 19.00 -27.53
C LEU C 189 -3.45 20.16 -27.47
N ILE C 190 -2.26 19.87 -26.95
CA ILE C 190 -1.19 20.84 -26.91
C ILE C 190 -0.16 20.35 -27.90
N LEU C 191 -0.16 20.92 -29.11
CA LEU C 191 0.63 20.43 -30.23
C LEU C 191 1.98 21.15 -30.25
N GLU C 192 3.03 20.42 -29.95
CA GLU C 192 4.38 20.98 -29.86
C GLU C 192 5.09 20.71 -31.18
N ALA C 193 5.25 21.75 -31.99
CA ALA C 193 6.00 21.64 -33.24
C ALA C 193 7.47 21.32 -32.97
N ALA C 194 8.09 20.60 -33.91
CA ALA C 194 9.55 20.51 -33.88
C ALA C 194 10.19 21.90 -33.86
N GLY C 195 9.57 22.86 -34.55
CA GLY C 195 10.13 24.20 -34.56
C GLY C 195 9.92 24.99 -33.28
N GLY C 196 9.07 24.50 -32.37
CA GLY C 196 8.77 25.18 -31.12
C GLY C 196 7.40 25.84 -31.06
N GLN C 197 6.76 26.06 -32.19
CA GLN C 197 5.38 26.51 -32.17
C GLN C 197 4.50 25.56 -31.35
N ILE C 198 3.72 26.13 -30.44
CA ILE C 198 2.73 25.39 -29.67
C ILE C 198 1.36 25.79 -30.18
N GLU C 199 0.56 24.82 -30.57
CA GLU C 199 -0.80 25.06 -31.02
C GLU C 199 -1.77 24.27 -30.16
N LEU C 200 -2.91 24.90 -29.85
CA LEU C 200 -3.89 24.38 -28.91
C LEU C 200 -5.19 24.09 -29.65
N ARG C 201 -5.71 22.89 -29.47
CA ARG C 201 -7.02 22.54 -29.98
C ARG C 201 -7.77 21.89 -28.83
N SER C 202 -8.90 22.46 -28.45
CA SER C 202 -9.61 21.89 -27.34
C SER C 202 -11.06 21.64 -27.72
N TYR C 203 -11.55 20.46 -27.34
CA TYR C 203 -12.88 19.99 -27.69
C TYR C 203 -13.68 19.69 -26.44
N VAL C 204 -15.01 19.80 -26.55
CA VAL C 204 -15.94 19.38 -25.52
C VAL C 204 -17.07 18.63 -26.20
N MET C 205 -17.42 17.46 -25.66
CA MET C 205 -18.57 16.72 -26.15
C MET C 205 -19.47 16.37 -24.98
N PRO C 206 -20.77 16.40 -25.16
CA PRO C 206 -21.66 16.06 -24.05
C PRO C 206 -21.65 14.56 -23.80
N ASN C 207 -21.78 14.18 -22.52
CA ASN C 207 -21.85 12.76 -22.17
C ASN C 207 -23.23 12.26 -22.56
N ALA C 208 -23.35 11.91 -23.83
CA ALA C 208 -24.61 11.61 -24.48
C ALA C 208 -24.29 10.97 -25.82
N PRO C 209 -25.25 10.27 -26.44
CA PRO C 209 -24.97 9.72 -27.76
C PRO C 209 -24.76 10.87 -28.75
N VAL C 210 -23.62 10.85 -29.44
CA VAL C 210 -23.22 11.95 -30.29
C VAL C 210 -23.13 11.43 -31.73
N ASP C 211 -23.81 12.12 -32.64
CA ASP C 211 -23.81 11.71 -34.04
C ASP C 211 -22.40 11.51 -34.55
N GLU C 212 -22.10 10.28 -34.96
CA GLU C 212 -20.72 10.00 -35.36
CA GLU C 212 -20.77 9.89 -35.44
C GLU C 212 -20.33 10.71 -36.65
N THR C 213 -21.27 11.36 -37.35
CA THR C 213 -21.01 12.03 -38.60
C THR C 213 -20.92 13.55 -38.48
N ILE C 214 -21.05 14.11 -37.29
CA ILE C 214 -20.76 15.54 -37.13
C ILE C 214 -19.25 15.74 -37.15
N PRO C 215 -18.72 16.64 -37.97
CA PRO C 215 -17.27 16.84 -37.99
C PRO C 215 -16.73 17.23 -36.62
N LEU C 216 -15.64 16.58 -36.20
CA LEU C 216 -14.98 16.88 -34.93
C LEU C 216 -14.74 18.36 -34.73
N GLU C 217 -14.47 19.08 -35.81
CA GLU C 217 -14.22 20.52 -35.71
C GLU C 217 -15.38 21.24 -35.05
N ARG C 218 -16.60 20.77 -35.25
CA ARG C 218 -17.75 21.48 -34.69
C ARG C 218 -17.89 21.31 -33.19
N PHE C 219 -17.01 20.52 -32.54
CA PHE C 219 -17.01 20.42 -31.09
C PHE C 219 -15.86 21.17 -30.46
N LEU C 220 -15.05 21.84 -31.28
CA LEU C 220 -14.03 22.75 -30.79
C LEU C 220 -14.66 23.83 -29.93
N VAL C 221 -13.94 24.25 -28.89
CA VAL C 221 -14.34 25.36 -28.04
C VAL C 221 -13.10 26.14 -27.65
N PRO C 222 -13.24 27.41 -27.31
CA PRO C 222 -12.08 28.19 -26.83
C PRO C 222 -11.51 27.57 -25.56
N ILE C 223 -10.18 27.47 -25.48
CA ILE C 223 -9.56 26.88 -24.30
C ILE C 223 -10.08 27.54 -23.03
N GLU C 224 -10.45 28.82 -23.11
CA GLU C 224 -10.84 29.57 -21.92
C GLU C 224 -12.18 29.12 -21.38
N SER C 225 -13.11 28.74 -22.27
CA SER C 225 -14.36 28.17 -21.75
C SER C 225 -14.09 26.86 -21.04
N ILE C 226 -13.08 26.10 -21.45
CA ILE C 226 -12.72 24.87 -20.75
C ILE C 226 -12.02 25.19 -19.44
N GLU C 227 -11.09 26.12 -19.47
CA GLU C 227 -10.43 26.55 -18.26
C GLU C 227 -11.41 27.06 -17.23
N ARG C 228 -12.37 27.89 -17.67
CA ARG C 228 -13.35 28.45 -16.75
C ARG C 228 -14.15 27.35 -16.06
N ALA C 229 -14.72 26.42 -16.84
CA ALA C 229 -15.60 25.38 -16.28
C ALA C 229 -14.84 24.40 -15.40
N SER C 230 -13.65 23.98 -15.83
CA SER C 230 -12.93 22.92 -15.17
C SER C 230 -12.16 23.37 -13.94
N GLY C 231 -11.73 24.62 -13.88
CA GLY C 231 -10.82 25.00 -12.82
C GLY C 231 -9.38 24.68 -13.11
N LEU C 232 -9.08 24.24 -14.33
CA LEU C 232 -7.70 24.04 -14.76
C LEU C 232 -7.23 25.25 -15.55
N LEU C 233 -5.91 25.38 -15.63
CA LEU C 233 -5.27 26.42 -16.42
C LEU C 233 -4.14 25.79 -17.21
N PHE C 234 -4.19 25.94 -18.53
CA PHE C 234 -3.11 25.56 -19.43
C PHE C 234 -2.38 26.74 -20.01
N VAL C 235 -3.12 27.81 -20.33
CA VAL C 235 -2.55 28.95 -21.07
C VAL C 235 -1.46 29.67 -20.29
N PRO C 236 -1.61 29.99 -19.00
CA PRO C 236 -0.46 30.52 -18.27
C PRO C 236 0.67 29.51 -18.13
N ASN C 237 0.36 28.22 -18.01
CA ASN C 237 1.39 27.20 -17.89
C ASN C 237 2.12 26.95 -19.20
N ILE C 238 1.43 27.11 -20.33
CA ILE C 238 2.08 26.95 -21.63
C ILE C 238 3.08 28.08 -21.87
N LEU C 239 2.69 29.31 -21.58
CA LEU C 239 3.58 30.46 -21.76
C LEU C 239 4.65 30.56 -20.69
N ALA C 240 4.79 29.55 -19.84
CA ALA C 240 5.92 29.50 -18.92
C ALA C 240 7.23 29.36 -19.68
N ARG C 241 7.22 28.56 -20.76
CA ARG C 241 8.36 28.32 -21.64
C ARG C 241 7.93 28.40 -23.10
N ALA C 242 7.27 29.51 -23.47
CA ALA C 242 6.85 29.76 -24.86
C ALA C 242 7.28 31.16 -25.32
N GLU D 19 9.86 14.45 -19.48
CA GLU D 19 9.36 15.24 -20.60
C GLU D 19 7.82 15.38 -20.54
N LEU D 20 7.20 14.73 -19.55
CA LEU D 20 5.74 14.65 -19.47
C LEU D 20 5.11 15.88 -18.80
N ALA D 21 5.84 16.58 -17.94
CA ALA D 21 5.37 17.82 -17.35
C ALA D 21 6.21 19.03 -17.78
N LYS D 22 6.98 18.89 -18.88
CA LYS D 22 7.89 19.94 -19.35
C LYS D 22 7.17 21.26 -19.61
N TYR D 23 5.86 21.26 -19.82
CA TYR D 23 5.08 22.46 -20.10
C TYR D 23 4.03 22.69 -19.01
N GLY D 24 4.26 22.14 -17.82
CA GLY D 24 3.43 22.39 -16.67
C GLY D 24 2.25 21.44 -16.57
N LEU D 25 1.62 21.46 -15.39
CA LEU D 25 0.43 20.72 -15.04
C LEU D 25 -0.76 21.65 -14.89
N PRO D 26 -1.96 21.22 -15.29
CA PRO D 26 -3.12 22.13 -15.35
C PRO D 26 -3.80 22.44 -14.02
N GLY D 27 -3.55 21.69 -12.95
CA GLY D 27 -4.36 21.83 -11.77
C GLY D 27 -3.72 21.18 -10.57
N VAL D 28 -3.12 21.99 -9.72
CA VAL D 28 -2.33 21.51 -8.60
C VAL D 28 -3.07 21.87 -7.31
N ALA D 29 -2.55 21.35 -6.19
CA ALA D 29 -3.05 21.69 -4.85
C ALA D 29 -3.07 23.20 -4.64
N GLN D 30 -4.25 23.72 -4.33
CA GLN D 30 -4.45 25.16 -4.20
C GLN D 30 -4.57 25.51 -2.72
N LEU D 31 -3.46 25.38 -2.01
CA LEU D 31 -3.42 25.69 -0.59
C LEU D 31 -3.28 27.20 -0.40
N ARG D 32 -3.82 27.69 0.71
CA ARG D 32 -3.68 29.09 1.10
C ARG D 32 -3.44 29.15 2.60
N SER D 33 -2.31 29.74 2.99
CA SER D 33 -1.98 29.96 4.40
C SER D 33 -2.30 31.39 4.76
N ARG D 34 -3.22 31.57 5.71
CA ARG D 34 -3.58 32.88 6.21
C ARG D 34 -3.17 33.02 7.67
N GLU D 35 -3.38 34.21 8.21
CA GLU D 35 -3.03 34.42 9.60
C GLU D 35 -3.85 33.51 10.50
N SER D 36 -5.10 33.31 10.15
CA SER D 36 -6.07 32.68 11.02
C SER D 36 -6.50 31.28 10.55
N TYR D 37 -5.97 30.78 9.43
CA TYR D 37 -6.40 29.46 8.94
C TYR D 37 -5.56 29.04 7.77
N VAL D 38 -5.64 27.74 7.47
CA VAL D 38 -5.12 27.12 6.25
C VAL D 38 -6.32 26.61 5.46
N LEU D 39 -6.38 26.94 4.16
CA LEU D 39 -7.45 26.38 3.35
C LEU D 39 -6.91 25.71 2.09
N SER D 40 -7.65 24.72 1.62
CA SER D 40 -7.45 24.10 0.32
C SER D 40 -8.60 24.51 -0.58
N TYR D 41 -8.27 25.10 -1.72
CA TYR D 41 -9.29 25.71 -2.56
C TYR D 41 -9.61 24.82 -3.76
N ASP D 42 -10.89 24.85 -4.18
CA ASP D 42 -11.40 24.07 -5.31
C ASP D 42 -11.85 24.99 -6.43
N PRO D 43 -11.06 25.16 -7.48
CA PRO D 43 -11.49 26.08 -8.55
C PRO D 43 -12.72 25.63 -9.34
N ARG D 44 -13.06 24.34 -9.41
CA ARG D 44 -14.27 23.96 -10.13
CA ARG D 44 -14.27 23.96 -10.13
C ARG D 44 -15.51 24.48 -9.42
N THR D 45 -15.58 24.27 -8.09
CA THR D 45 -16.70 24.75 -7.29
C THR D 45 -16.57 26.21 -6.91
N ARG D 46 -15.38 26.79 -7.06
CA ARG D 46 -15.13 28.16 -6.62
C ARG D 46 -15.35 28.27 -5.11
N GLY D 47 -14.94 27.23 -4.39
CA GLY D 47 -15.14 27.18 -2.95
C GLY D 47 -14.04 26.38 -2.32
N ALA D 48 -13.82 26.60 -1.03
CA ALA D 48 -12.82 25.80 -0.33
C ALA D 48 -13.29 24.37 -0.26
N LEU D 49 -12.34 23.44 -0.29
CA LEU D 49 -12.65 22.06 0.07
C LEU D 49 -12.69 21.91 1.58
N TRP D 50 -11.83 22.63 2.28
CA TRP D 50 -11.80 22.58 3.73
C TRP D 50 -11.01 23.78 4.25
N VAL D 51 -11.35 24.20 5.46
CA VAL D 51 -10.63 25.25 6.18
C VAL D 51 -10.20 24.69 7.53
N LEU D 52 -8.95 24.99 7.92
CA LEU D 52 -8.37 24.45 9.14
C LEU D 52 -7.96 25.59 10.07
N GLU D 53 -8.49 25.60 11.30
CA GLU D 53 -8.11 26.58 12.32
C GLU D 53 -7.64 25.85 13.56
N GLN D 54 -6.87 26.56 14.37
CA GLN D 54 -6.53 26.13 15.71
C GLN D 54 -7.03 27.22 16.65
N LEU D 55 -8.07 26.92 17.41
CA LEU D 55 -8.77 27.94 18.19
C LEU D 55 -8.07 28.09 19.54
N ARG D 56 -7.38 29.11 19.70
CA ARG D 56 -6.82 29.27 21.02
C ARG D 56 -7.63 30.31 21.79
N PRO D 57 -7.74 30.16 23.12
CA PRO D 57 -8.60 31.10 23.87
C PRO D 57 -8.05 32.51 23.91
N GLU D 58 -6.73 32.65 24.13
CA GLU D 58 -5.99 33.90 23.86
C GLU D 58 -6.47 34.61 22.59
N ARG D 59 -6.67 33.87 21.50
CA ARG D 59 -7.04 34.47 20.23
C ARG D 59 -8.53 34.82 20.14
N LEU D 60 -9.34 34.37 21.09
CA LEU D 60 -10.78 34.57 20.99
C LEU D 60 -11.21 35.96 21.46
N ARG D 61 -10.45 36.59 22.33
CA ARG D 61 -10.79 37.93 22.79
C ARG D 61 -9.82 38.92 22.16
N GLY D 62 -10.31 40.13 21.94
CA GLY D 62 -9.52 41.21 21.41
C GLY D 62 -10.43 42.29 20.86
N ASP D 63 -9.84 43.20 20.09
CA ASP D 63 -10.59 44.32 19.54
C ASP D 63 -10.88 44.19 18.05
N GLY D 64 -10.61 43.03 17.45
CA GLY D 64 -10.95 42.85 16.04
C GLY D 64 -12.43 43.04 15.75
N ASP D 65 -12.76 43.89 14.77
CA ASP D 65 -14.15 44.00 14.33
C ASP D 65 -14.17 44.29 12.84
N ARG D 66 -15.30 43.93 12.22
CA ARG D 66 -15.52 44.20 10.81
C ARG D 66 -17.00 44.04 10.54
N SER D 67 -17.56 44.88 9.67
CA SER D 67 -18.98 44.76 9.34
C SER D 67 -19.31 43.34 8.90
N ALA D 68 -20.56 42.95 9.12
CA ALA D 68 -21.02 41.64 8.68
C ALA D 68 -21.08 41.48 7.17
N CYS D 69 -21.03 42.57 6.41
CA CYS D 69 -21.29 42.48 4.98
C CYS D 69 -20.05 42.84 4.16
N ASP D 70 -18.88 42.86 4.79
CA ASP D 70 -17.69 43.43 4.21
C ASP D 70 -16.68 42.34 3.83
N PHE D 71 -17.04 41.56 2.82
CA PHE D 71 -16.17 40.53 2.29
C PHE D 71 -15.37 41.04 1.09
N ARG D 72 -14.22 40.43 0.87
CA ARG D 72 -13.36 40.72 -0.27
C ARG D 72 -13.26 39.49 -1.16
N GLU D 73 -13.24 39.72 -2.46
CA GLU D 73 -12.82 38.66 -3.35
C GLU D 73 -11.34 38.35 -3.15
N ASP D 74 -10.96 37.12 -3.41
CA ASP D 74 -9.59 36.70 -3.20
C ASP D 74 -8.85 36.69 -4.54
N ASP D 75 -8.10 37.76 -4.82
CA ASP D 75 -7.42 37.87 -6.09
C ASP D 75 -6.20 36.98 -6.19
N SER D 76 -5.88 36.25 -5.13
CA SER D 76 -4.85 35.24 -5.27
C SER D 76 -5.39 34.04 -6.04
N VAL D 77 -6.69 33.97 -6.25
CA VAL D 77 -7.30 32.98 -7.13
C VAL D 77 -7.53 33.62 -8.49
N HIS D 78 -7.11 32.92 -9.54
CA HIS D 78 -7.32 33.36 -10.90
C HIS D 78 -8.77 33.79 -11.11
N ALA D 79 -8.98 34.89 -11.84
CA ALA D 79 -10.34 35.41 -12.01
C ALA D 79 -11.32 34.37 -12.53
N TYR D 80 -10.85 33.40 -13.34
CA TYR D 80 -11.76 32.42 -13.94
C TYR D 80 -12.46 31.57 -12.88
N HIS D 81 -11.89 31.46 -11.68
CA HIS D 81 -12.38 30.53 -10.67
C HIS D 81 -12.60 31.24 -9.35
N ARG D 82 -12.70 32.56 -9.37
CA ARG D 82 -12.75 33.34 -8.14
C ARG D 82 -14.18 33.80 -7.91
N ALA D 83 -14.68 33.57 -6.69
CA ALA D 83 -15.99 34.09 -6.33
C ALA D 83 -15.87 35.59 -6.05
N THR D 84 -16.88 36.33 -6.51
CA THR D 84 -16.95 37.77 -6.25
C THR D 84 -18.24 38.08 -5.50
N ASN D 85 -18.31 39.32 -5.00
CA ASN D 85 -19.49 39.74 -4.28
C ASN D 85 -20.71 39.82 -5.19
N ALA D 86 -20.50 40.11 -6.48
CA ALA D 86 -21.59 40.14 -7.45
C ALA D 86 -22.26 38.78 -7.59
N ASP D 87 -21.46 37.72 -7.46
CA ASP D 87 -22.01 36.36 -7.49
C ASP D 87 -23.04 36.17 -6.38
N TYR D 88 -22.73 36.66 -5.16
CA TYR D 88 -23.69 36.54 -4.07
C TYR D 88 -24.85 37.52 -4.17
N ARG D 89 -24.67 38.69 -4.77
CA ARG D 89 -25.73 39.69 -4.73
C ARG D 89 -26.99 39.14 -5.37
N GLY D 90 -28.13 39.35 -4.71
CA GLY D 90 -29.39 38.88 -5.23
C GLY D 90 -29.54 37.37 -5.30
N SER D 91 -28.59 36.62 -4.75
CA SER D 91 -28.70 35.17 -4.81
C SER D 91 -29.59 34.60 -3.72
N GLY D 92 -29.88 35.36 -2.67
CA GLY D 92 -30.60 34.82 -1.54
C GLY D 92 -29.72 34.13 -0.52
N PHE D 93 -28.43 33.98 -0.78
CA PHE D 93 -27.53 33.25 0.10
C PHE D 93 -26.65 34.20 0.90
N ASP D 94 -26.41 33.87 2.15
CA ASP D 94 -25.39 34.56 2.91
C ASP D 94 -24.00 34.15 2.44
N ARG D 95 -23.09 35.10 2.47
CA ARG D 95 -21.68 34.77 2.38
C ARG D 95 -21.25 34.12 3.69
N GLY D 96 -21.37 32.80 3.81
CA GLY D 96 -21.08 32.10 5.05
C GLY D 96 -19.61 31.79 5.25
N ALA D 97 -18.97 32.43 6.22
CA ALA D 97 -17.56 32.20 6.44
C ALA D 97 -17.34 30.82 7.08
N LEU D 98 -16.30 30.12 6.62
CA LEU D 98 -15.98 28.79 7.15
C LEU D 98 -15.07 28.86 8.37
N ALA D 99 -13.95 29.57 8.25
CA ALA D 99 -13.21 30.06 9.41
C ALA D 99 -13.98 31.26 9.94
N ALA D 100 -14.55 31.15 11.14
CA ALA D 100 -15.47 32.17 11.62
C ALA D 100 -14.72 33.42 12.06
N ALA D 101 -15.27 34.57 11.72
CA ALA D 101 -14.72 35.87 12.16
C ALA D 101 -14.43 35.89 13.66
N ALA D 102 -15.42 35.57 14.48
CA ALA D 102 -15.31 35.71 15.93
C ALA D 102 -14.36 34.68 16.56
N ASN D 103 -13.68 33.88 15.74
CA ASN D 103 -12.65 32.98 16.22
C ASN D 103 -11.30 33.64 16.27
N HIS D 104 -11.17 34.84 15.72
CA HIS D 104 -9.89 35.49 15.60
C HIS D 104 -10.05 36.99 15.86
N ARG D 105 -10.43 37.34 17.08
CA ARG D 105 -10.58 38.74 17.44
C ARG D 105 -9.29 39.41 17.92
N TRP D 106 -8.24 38.63 18.18
CA TRP D 106 -7.01 39.18 18.75
C TRP D 106 -6.28 40.07 17.77
N SER D 107 -6.36 39.77 16.47
CA SER D 107 -5.58 40.45 15.45
C SER D 107 -6.51 40.83 14.32
N GLN D 108 -6.61 42.13 14.03
CA GLN D 108 -7.50 42.56 12.96
C GLN D 108 -7.14 41.88 11.65
N ARG D 109 -5.84 41.77 11.33
CA ARG D 109 -5.45 41.08 10.09
C ARG D 109 -5.94 39.64 10.12
N ALA D 110 -5.78 38.96 11.26
CA ALA D 110 -6.32 37.61 11.42
C ALA D 110 -7.83 37.57 11.16
N MET D 111 -8.54 38.61 11.55
CA MET D 111 -9.97 38.57 11.38
C MET D 111 -10.35 38.94 9.97
N ASP D 112 -9.60 39.86 9.38
CA ASP D 112 -9.88 40.26 8.01
C ASP D 112 -9.70 39.10 7.05
N ASP D 113 -8.77 38.20 7.36
CA ASP D 113 -8.55 37.05 6.50
C ASP D 113 -9.80 36.20 6.35
N THR D 114 -10.69 36.19 7.35
CA THR D 114 -11.90 35.38 7.23
C THR D 114 -12.92 35.99 6.29
N PHE D 115 -12.76 37.24 5.87
CA PHE D 115 -13.67 37.84 4.91
C PHE D 115 -13.15 37.76 3.48
N TYR D 116 -12.10 36.98 3.23
CA TYR D 116 -11.83 36.54 1.88
C TYR D 116 -12.93 35.58 1.42
N LEU D 117 -13.42 35.76 0.19
CA LEU D 117 -14.51 34.91 -0.28
C LEU D 117 -14.08 33.46 -0.46
N SER D 118 -12.80 33.19 -0.62
CA SER D 118 -12.29 31.81 -0.64
C SER D 118 -12.42 31.09 0.70
N ASN D 119 -12.78 31.80 1.77
CA ASN D 119 -13.15 31.20 3.05
C ASN D 119 -14.67 31.20 3.23
N VAL D 120 -15.42 31.39 2.14
CA VAL D 120 -16.87 31.51 2.17
C VAL D 120 -17.51 30.52 1.18
N ALA D 121 -18.78 30.22 1.42
CA ALA D 121 -19.62 29.37 0.59
C ALA D 121 -21.04 29.87 0.73
N PRO D 122 -21.87 29.78 -0.32
CA PRO D 122 -23.27 30.20 -0.20
C PRO D 122 -23.97 29.44 0.91
N GLN D 123 -24.55 30.17 1.86
CA GLN D 123 -25.20 29.54 3.01
C GLN D 123 -26.62 30.06 3.17
N VAL D 124 -27.56 29.14 3.42
CA VAL D 124 -28.92 29.60 3.66
C VAL D 124 -28.94 30.50 4.87
N PRO D 125 -29.50 31.72 4.75
CA PRO D 125 -29.34 32.71 5.83
C PRO D 125 -29.83 32.22 7.17
N HIS D 126 -30.97 31.53 7.21
CA HIS D 126 -31.44 31.09 8.51
C HIS D 126 -30.44 30.14 9.16
N LEU D 127 -29.67 29.40 8.36
CA LEU D 127 -28.70 28.47 8.92
C LEU D 127 -27.46 29.20 9.40
N ASN D 128 -26.91 30.05 8.54
CA ASN D 128 -25.74 30.85 8.85
C ASN D 128 -25.91 31.63 10.16
N GLN D 129 -27.09 32.24 10.37
CA GLN D 129 -27.33 33.12 11.50
C GLN D 129 -27.89 32.41 12.72
N ASN D 130 -28.14 31.11 12.64
CA ASN D 130 -28.75 30.44 13.79
C ASN D 130 -27.99 29.17 14.15
N ALA D 131 -28.47 28.00 13.74
CA ALA D 131 -27.87 26.75 14.20
C ALA D 131 -26.38 26.64 13.81
N TRP D 132 -25.97 27.18 12.67
CA TRP D 132 -24.55 27.15 12.32
C TRP D 132 -23.76 28.11 13.19
N ASN D 133 -24.37 29.25 13.54
CA ASN D 133 -23.78 30.16 14.51
C ASN D 133 -23.67 29.51 15.88
N ASN D 134 -24.69 28.74 16.28
CA ASN D 134 -24.65 28.07 17.58
C ASN D 134 -23.56 27.01 17.63
N LEU D 135 -23.34 26.29 16.52
CA LEU D 135 -22.24 25.34 16.49
C LEU D 135 -20.89 26.04 16.62
N GLU D 136 -20.73 27.21 15.99
CA GLU D 136 -19.49 27.97 16.15
C GLU D 136 -19.28 28.40 17.61
N ARG D 137 -20.30 28.99 18.23
CA ARG D 137 -20.19 29.42 19.62
C ARG D 137 -19.85 28.25 20.55
N TYR D 138 -20.44 27.09 20.28
CA TYR D 138 -20.11 25.90 21.06
C TYR D 138 -18.65 25.52 20.84
N SER D 139 -18.17 25.60 19.61
CA SER D 139 -16.77 25.31 19.34
C SER D 139 -15.84 26.22 20.13
N ARG D 140 -16.09 27.53 20.09
CA ARG D 140 -15.28 28.44 20.90
C ARG D 140 -15.33 28.05 22.38
N SER D 141 -16.49 27.58 22.84
CA SER D 141 -16.61 27.21 24.25
C SER D 141 -15.65 26.09 24.63
N LEU D 142 -15.32 25.20 23.67
CA LEU D 142 -14.45 24.09 23.99
C LEU D 142 -13.00 24.50 24.21
N THR D 143 -12.59 25.72 23.83
CA THR D 143 -11.25 26.18 24.16
C THR D 143 -11.05 26.35 25.65
N ARG D 144 -12.14 26.54 26.41
CA ARG D 144 -12.06 26.56 27.87
C ARG D 144 -11.78 25.18 28.44
N THR D 145 -12.25 24.10 27.80
CA THR D 145 -12.16 22.80 28.43
C THR D 145 -11.19 21.83 27.76
N TYR D 146 -10.53 22.22 26.66
CA TYR D 146 -9.54 21.37 26.02
C TYR D 146 -8.24 22.12 25.78
N GLN D 147 -7.11 21.37 25.73
CA GLN D 147 -5.79 21.99 25.61
C GLN D 147 -5.59 22.63 24.24
N ASN D 148 -6.18 22.05 23.19
CA ASN D 148 -6.16 22.61 21.85
C ASN D 148 -7.47 22.25 21.18
N VAL D 149 -8.07 23.20 20.47
CA VAL D 149 -9.23 22.94 19.64
C VAL D 149 -8.85 23.20 18.19
N TYR D 150 -8.81 22.15 17.39
CA TYR D 150 -8.68 22.28 15.95
C TYR D 150 -10.06 22.16 15.31
N VAL D 151 -10.35 23.05 14.36
CA VAL D 151 -11.60 23.06 13.63
C VAL D 151 -11.31 22.94 12.15
N CYS D 152 -11.79 21.85 11.53
CA CYS D 152 -11.81 21.70 10.08
C CYS D 152 -13.24 21.85 9.60
N THR D 153 -13.49 22.82 8.72
CA THR D 153 -14.84 23.15 8.26
C THR D 153 -14.90 23.11 6.75
N GLY D 154 -16.00 22.62 6.19
CA GLY D 154 -16.11 22.55 4.76
C GLY D 154 -17.48 22.18 4.25
N PRO D 155 -17.66 22.23 2.94
CA PRO D 155 -18.97 21.97 2.34
C PRO D 155 -19.13 20.48 2.05
N LEU D 156 -20.37 20.12 1.71
CA LEU D 156 -20.63 18.79 1.17
C LEU D 156 -21.59 18.94 0.01
N PHE D 157 -21.56 17.95 -0.88
CA PHE D 157 -22.49 17.89 -2.00
C PHE D 157 -22.98 16.46 -1.99
N LEU D 158 -24.13 16.24 -1.43
CA LEU D 158 -24.52 14.89 -1.11
C LEU D 158 -25.62 14.44 -2.06
N PRO D 159 -25.53 13.25 -2.62
CA PRO D 159 -26.52 12.83 -3.62
C PRO D 159 -27.85 12.49 -2.95
N ARG D 160 -28.88 12.42 -3.79
CA ARG D 160 -30.23 12.13 -3.38
C ARG D 160 -30.81 11.14 -4.40
N THR D 161 -31.66 10.23 -3.93
CA THR D 161 -32.30 9.27 -4.83
C THR D 161 -33.60 9.87 -5.33
N GLU D 162 -33.80 9.80 -6.64
CA GLU D 162 -34.96 10.39 -7.27
C GLU D 162 -35.99 9.33 -7.64
N ALA D 163 -37.06 9.78 -8.29
CA ALA D 163 -38.22 8.94 -8.56
C ALA D 163 -37.90 7.81 -9.52
N ASP D 164 -36.94 8.00 -10.43
CA ASP D 164 -36.51 6.91 -11.30
C ASP D 164 -35.60 5.90 -10.61
N GLY D 165 -35.36 6.04 -9.30
CA GLY D 165 -34.53 5.12 -8.57
C GLY D 165 -33.05 5.40 -8.63
N LYS D 166 -32.63 6.46 -9.32
CA LYS D 166 -31.23 6.74 -9.50
C LYS D 166 -30.79 7.89 -8.61
N SER D 167 -29.52 7.91 -8.25
CA SER D 167 -28.97 8.91 -7.34
C SER D 167 -28.32 10.03 -8.11
N TYR D 168 -28.51 11.26 -7.65
CA TYR D 168 -27.95 12.42 -8.33
C TYR D 168 -27.50 13.44 -7.31
N VAL D 169 -26.35 14.02 -7.56
CA VAL D 169 -25.95 15.25 -6.90
C VAL D 169 -26.55 16.42 -7.68
N LYS D 170 -27.27 17.28 -6.99
CA LYS D 170 -27.84 18.46 -7.63
C LYS D 170 -27.61 19.65 -6.73
N TYR D 171 -26.86 20.63 -7.21
CA TYR D 171 -26.63 21.84 -6.44
C TYR D 171 -26.67 23.06 -7.34
N GLN D 172 -27.25 24.12 -6.81
CA GLN D 172 -27.29 25.40 -7.49
C GLN D 172 -25.90 26.02 -7.58
N VAL D 173 -25.69 26.76 -8.67
CA VAL D 173 -24.54 27.61 -8.83
C VAL D 173 -25.06 29.01 -9.06
N ILE D 174 -24.39 30.01 -8.46
CA ILE D 174 -24.87 31.38 -8.44
C ILE D 174 -23.82 32.32 -9.02
N GLY D 175 -24.31 33.40 -9.61
CA GLY D 175 -23.43 34.41 -10.18
C GLY D 175 -22.89 33.98 -11.53
N LYS D 176 -22.32 34.96 -12.23
CA LYS D 176 -21.68 34.66 -13.50
C LYS D 176 -20.54 33.67 -13.33
N ASN D 177 -19.97 33.58 -12.14
CA ASN D 177 -18.89 32.64 -11.90
C ASN D 177 -19.37 31.28 -11.43
N HIS D 178 -20.68 31.06 -11.36
CA HIS D 178 -21.25 29.74 -11.08
C HIS D 178 -20.72 29.18 -9.75
N VAL D 179 -20.78 29.99 -8.71
CA VAL D 179 -20.31 29.57 -7.39
C VAL D 179 -21.25 28.51 -6.85
N ALA D 180 -20.69 27.39 -6.41
CA ALA D 180 -21.50 26.24 -6.02
C ALA D 180 -22.11 26.45 -4.65
N VAL D 181 -23.43 26.26 -4.56
CA VAL D 181 -24.14 26.20 -3.29
C VAL D 181 -24.07 24.78 -2.69
N PRO D 182 -23.37 24.59 -1.58
CA PRO D 182 -23.31 23.27 -0.95
C PRO D 182 -24.68 22.76 -0.51
N THR D 183 -24.82 21.44 -0.50
CA THR D 183 -26.02 20.85 0.04
C THR D 183 -25.93 20.74 1.55
N HIS D 184 -24.73 20.55 2.08
CA HIS D 184 -24.52 20.42 3.52
C HIS D 184 -23.19 21.06 3.84
N PHE D 185 -22.92 21.16 5.14
CA PHE D 185 -21.62 21.58 5.64
C PHE D 185 -21.18 20.62 6.73
N PHE D 186 -19.87 20.48 6.86
CA PHE D 186 -19.30 19.68 7.93
C PHE D 186 -18.41 20.55 8.81
N LYS D 187 -18.35 20.18 10.08
CA LYS D 187 -17.36 20.76 10.98
C LYS D 187 -16.78 19.61 11.80
N VAL D 188 -15.46 19.41 11.70
CA VAL D 188 -14.76 18.40 12.49
C VAL D 188 -13.96 19.09 13.58
N LEU D 189 -14.25 18.74 14.83
CA LEU D 189 -13.51 19.21 15.98
C LEU D 189 -12.47 18.15 16.37
N ILE D 190 -11.20 18.54 16.33
CA ILE D 190 -10.12 17.72 16.87
C ILE D 190 -9.74 18.33 18.21
N LEU D 191 -9.99 17.58 19.27
CA LEU D 191 -9.91 18.08 20.64
C LEU D 191 -8.77 17.39 21.37
N GLU D 192 -7.91 18.18 22.01
CA GLU D 192 -6.74 17.66 22.70
C GLU D 192 -7.05 17.55 24.19
N ALA D 193 -7.25 16.33 24.66
CA ALA D 193 -7.48 16.11 26.08
C ALA D 193 -6.16 16.24 26.82
N ALA D 194 -6.17 15.94 28.12
CA ALA D 194 -5.06 16.32 29.00
C ALA D 194 -3.74 15.67 28.58
N GLY D 195 -3.72 14.34 28.52
CA GLY D 195 -2.47 13.68 28.18
C GLY D 195 -2.17 13.80 26.70
N GLY D 196 -2.27 12.69 25.98
CA GLY D 196 -2.14 12.74 24.53
C GLY D 196 -3.40 12.28 23.84
N GLN D 197 -4.49 12.19 24.58
CA GLN D 197 -5.74 11.69 24.00
C GLN D 197 -6.36 12.75 23.11
N ILE D 198 -6.68 12.35 21.89
CA ILE D 198 -7.43 13.20 20.97
C ILE D 198 -8.87 12.71 20.99
N GLU D 199 -9.80 13.63 21.10
CA GLU D 199 -11.20 13.31 20.96
C GLU D 199 -11.72 13.95 19.70
N LEU D 200 -12.28 13.14 18.83
CA LEU D 200 -12.87 13.56 17.57
C LEU D 200 -14.37 13.75 17.74
N ARG D 201 -14.90 14.70 16.99
CA ARG D 201 -16.28 15.14 17.13
C ARG D 201 -16.61 15.82 15.82
N SER D 202 -17.50 15.21 15.05
CA SER D 202 -17.80 15.69 13.72
C SER D 202 -19.30 15.89 13.56
N TYR D 203 -19.66 16.97 12.85
CA TYR D 203 -21.03 17.44 12.68
C TYR D 203 -21.34 17.68 11.21
N VAL D 204 -22.59 17.44 10.86
CA VAL D 204 -23.11 17.77 9.54
C VAL D 204 -24.42 18.50 9.76
N MET D 205 -24.63 19.60 9.04
CA MET D 205 -25.91 20.27 8.98
C MET D 205 -26.28 20.49 7.53
N PRO D 206 -27.57 20.39 7.19
CA PRO D 206 -27.97 20.64 5.80
C PRO D 206 -27.99 22.14 5.53
N ASN D 207 -27.66 22.50 4.29
CA ASN D 207 -27.73 23.89 3.84
C ASN D 207 -29.20 24.24 3.65
N ALA D 208 -29.85 24.58 4.77
CA ALA D 208 -31.29 24.74 4.88
C ALA D 208 -31.63 25.32 6.27
N PRO D 209 -32.83 25.86 6.44
CA PRO D 209 -33.23 26.31 7.77
C PRO D 209 -33.17 25.15 8.75
N VAL D 210 -32.45 25.31 9.84
CA VAL D 210 -32.31 24.28 10.86
C VAL D 210 -32.86 24.85 12.14
N ASP D 211 -33.87 24.18 12.70
CA ASP D 211 -34.44 24.55 13.98
C ASP D 211 -33.34 24.78 15.00
N GLU D 212 -33.25 26.01 15.53
CA GLU D 212 -32.19 26.30 16.48
CA GLU D 212 -32.22 26.35 16.50
C GLU D 212 -32.36 25.56 17.80
N THR D 213 -33.55 25.06 18.09
CA THR D 213 -33.77 24.38 19.37
C THR D 213 -33.30 22.93 19.37
N ILE D 214 -33.00 22.33 18.24
CA ILE D 214 -32.51 20.96 18.22
C ILE D 214 -31.10 20.92 18.81
N PRO D 215 -30.84 20.13 19.84
CA PRO D 215 -29.49 20.05 20.41
C PRO D 215 -28.43 19.75 19.36
N LEU D 216 -27.26 20.37 19.52
CA LEU D 216 -26.19 20.18 18.55
C LEU D 216 -25.74 18.73 18.48
N GLU D 217 -25.85 17.98 19.59
CA GLU D 217 -25.45 16.58 19.54
C GLU D 217 -26.31 15.77 18.58
N ARG D 218 -27.52 16.23 18.27
CA ARG D 218 -28.30 15.46 17.32
C ARG D 218 -27.67 15.48 15.93
N PHE D 219 -26.73 16.40 15.67
CA PHE D 219 -26.09 16.51 14.37
C PHE D 219 -24.71 15.86 14.30
N LEU D 220 -24.27 15.20 15.37
CA LEU D 220 -23.05 14.39 15.28
C LEU D 220 -23.24 13.29 14.24
N VAL D 221 -22.14 12.92 13.58
CA VAL D 221 -22.09 11.81 12.63
C VAL D 221 -20.77 11.09 12.78
N PRO D 222 -20.72 9.81 12.41
CA PRO D 222 -19.42 9.12 12.37
C PRO D 222 -18.49 9.83 11.40
N ILE D 223 -17.27 10.12 11.86
CA ILE D 223 -16.30 10.81 11.02
C ILE D 223 -16.21 10.16 9.65
N GLU D 224 -16.32 8.82 9.61
CA GLU D 224 -16.20 8.06 8.38
C GLU D 224 -17.16 8.56 7.31
N SER D 225 -18.36 8.97 7.70
CA SER D 225 -19.31 9.39 6.68
C SER D 225 -18.88 10.71 6.06
N ILE D 226 -18.34 11.62 6.87
CA ILE D 226 -17.78 12.87 6.33
C ILE D 226 -16.58 12.58 5.44
N GLU D 227 -15.71 11.67 5.87
CA GLU D 227 -14.58 11.25 5.06
C GLU D 227 -15.04 10.68 3.72
N ARG D 228 -16.01 9.76 3.77
CA ARG D 228 -16.49 9.15 2.55
C ARG D 228 -17.10 10.19 1.61
N ALA D 229 -17.94 11.06 2.16
CA ALA D 229 -18.67 12.01 1.34
C ALA D 229 -17.78 13.13 0.85
N SER D 230 -16.79 13.54 1.65
CA SER D 230 -16.00 14.71 1.30
C SER D 230 -14.79 14.39 0.45
N GLY D 231 -14.33 13.13 0.43
CA GLY D 231 -13.07 12.80 -0.16
C GLY D 231 -11.88 13.18 0.69
N LEU D 232 -12.12 13.52 1.95
CA LEU D 232 -11.07 13.93 2.86
C LEU D 232 -10.83 12.78 3.85
N LEU D 233 -9.66 12.78 4.49
CA LEU D 233 -9.28 11.75 5.45
C LEU D 233 -8.77 12.45 6.70
N PHE D 234 -9.36 12.13 7.83
CA PHE D 234 -8.92 12.67 9.09
C PHE D 234 -8.25 11.64 9.98
N VAL D 235 -8.83 10.44 10.06
CA VAL D 235 -8.41 9.47 11.07
C VAL D 235 -6.97 9.03 10.88
N PRO D 236 -6.54 8.54 9.71
CA PRO D 236 -5.14 8.09 9.60
C PRO D 236 -4.15 9.21 9.86
N ASN D 237 -4.52 10.45 9.54
CA ASN D 237 -3.65 11.59 9.81
C ASN D 237 -3.47 11.84 11.31
N ILE D 238 -4.56 11.76 12.07
CA ILE D 238 -4.50 11.98 13.51
C ILE D 238 -3.74 10.85 14.20
N LEU D 239 -4.02 9.61 13.82
CA LEU D 239 -3.49 8.43 14.51
C LEU D 239 -1.97 8.32 14.36
N ALA D 240 -1.37 9.00 13.38
CA ALA D 240 0.07 9.14 13.32
C ALA D 240 0.52 10.19 14.33
N ARG D 241 0.01 10.05 15.57
CA ARG D 241 0.10 11.07 16.60
C ARG D 241 -0.75 10.62 17.80
N ALA D 242 -0.53 9.37 18.25
CA ALA D 242 -1.07 8.74 19.46
C ALA D 242 -2.28 7.85 19.20
N GLY D 243 -3.31 7.98 20.02
CA GLY D 243 -4.50 7.14 19.92
C GLY D 243 -5.75 7.96 20.12
N ASN D 244 -6.84 7.46 19.56
CA ASN D 244 -8.04 8.25 19.25
C ASN D 244 -9.28 7.72 19.96
N LEU D 245 -10.20 8.63 20.32
CA LEU D 245 -11.50 8.30 20.90
C LEU D 245 -12.62 9.03 20.12
N LYS D 246 -13.12 8.37 19.08
CA LYS D 246 -14.26 8.88 18.32
C LYS D 246 -15.48 9.02 19.23
N ALA D 247 -16.13 10.18 19.18
CA ALA D 247 -17.35 10.42 19.95
C ALA D 247 -18.58 10.27 19.08
#